data_4LO0
#
_entry.id   4LO0
#
_cell.length_a   106.599
_cell.length_b   118.680
_cell.length_c   162.509
_cell.angle_alpha   90.00
_cell.angle_beta   90.00
_cell.angle_gamma   90.00
#
_symmetry.space_group_name_H-M   'C 2 2 21'
#
loop_
_entity.id
_entity.type
_entity.pdbx_description
1 polymer HA-33
2 polymer HA-17
3 water water
#
loop_
_entity_poly.entity_id
_entity_poly.type
_entity_poly.pdbx_seq_one_letter_code
_entity_poly.pdbx_strand_id
1 'polypeptide(L)'
;EHYSVIQNSLNDKIVTISCKADTNLFFYQVAGNVSLFQQTRNYLERWRLIYDSNKAAYKIKSMDIHNTNLVLTWNAPTHN
ISTQQDSNADNQYWLLLKDIGNNSFIIASYKNPNLVLYADTVARNLKLSTLNNSNYIKFIIEDYIISDLNNFTCKISPIL
DLNKVVQQVDVTNLNVNLYTWDYGRNQKWTIRYNEEKAAYQFFNTILSNGVLTWIFSNGNTVRVSSSNDQNNDAQYWLIN
PVSDTDETYTITNLRDTTKALDLYGGQTANGTAIQVFNYHGDDNQKWNIRNPPGSA
;
A,B
2 'polypeptide(L)'
;GPSVERTFLPNGNYNIKSIFSGSLYLNPVSKSLTFSNESSANNQKWNVEYMAENRCFKISNVAEPNKYLSYDNFGFISLD
SLSNRCYWFPIKIAVNTYIMLSLNKVNELDYAWDIYDTNENILSQPLLLLPNFDIYNSNQMFKLEKI
;
C
#
# COMPACT_ATOMS: atom_id res chain seq x y z
N ASN A 8 -0.14 -10.95 5.12
CA ASN A 8 -0.37 -12.36 4.79
C ASN A 8 -0.05 -12.73 3.33
N SER A 9 -0.02 -11.75 2.44
CA SER A 9 0.55 -11.94 1.11
C SER A 9 2.07 -11.80 1.20
N LEU A 10 2.50 -11.28 2.35
CA LEU A 10 3.92 -11.13 2.65
C LEU A 10 4.36 -12.15 3.70
N ASN A 11 3.41 -12.79 4.38
CA ASN A 11 3.78 -13.77 5.41
C ASN A 11 4.74 -14.85 4.89
N ASP A 12 5.80 -15.10 5.68
CA ASP A 12 6.83 -16.09 5.38
C ASP A 12 7.67 -15.81 4.15
N LYS A 13 7.46 -14.65 3.51
CA LYS A 13 8.28 -14.27 2.36
C LYS A 13 9.70 -13.88 2.81
N ILE A 14 10.69 -14.26 2.01
CA ILE A 14 12.08 -13.92 2.26
C ILE A 14 12.44 -12.77 1.32
N VAL A 15 12.91 -11.66 1.90
CA VAL A 15 13.05 -10.42 1.15
C VAL A 15 14.40 -9.80 1.46
N THR A 16 14.83 -8.89 0.60
CA THR A 16 15.87 -7.95 0.98
C THR A 16 15.13 -6.63 1.22
N ILE A 17 15.76 -5.74 1.99
CA ILE A 17 15.19 -4.42 2.24
C ILE A 17 16.27 -3.40 1.97
N SER A 18 16.03 -2.51 1.02
CA SER A 18 16.99 -1.49 0.70
C SER A 18 16.38 -0.09 0.84
N CYS A 19 17.22 0.93 0.75
CA CYS A 19 16.85 2.28 1.07
C CYS A 19 16.36 3.04 -0.14
N LYS A 20 15.16 3.61 -0.04
CA LYS A 20 14.71 4.50 -1.09
C LYS A 20 15.67 5.68 -1.23
N ALA A 21 16.32 6.06 -0.13
CA ALA A 21 17.27 7.18 -0.15
C ALA A 21 18.56 6.83 -0.89
N ASP A 22 18.94 5.56 -0.88
CA ASP A 22 20.16 5.09 -1.55
C ASP A 22 19.91 3.64 -1.86
N THR A 23 19.49 3.38 -3.09
CA THR A 23 18.99 2.05 -3.44
C THR A 23 20.16 1.07 -3.52
N ASN A 24 21.38 1.57 -3.36
CA ASN A 24 22.52 0.67 -3.29
C ASN A 24 22.79 0.19 -1.86
N LEU A 25 21.97 0.62 -0.90
CA LEU A 25 22.18 0.19 0.51
C LEU A 25 21.09 -0.74 1.02
N PHE A 26 21.50 -1.87 1.59
CA PHE A 26 20.59 -2.93 2.03
C PHE A 26 20.68 -3.17 3.55
N PHE A 27 19.60 -3.61 4.19
CA PHE A 27 19.67 -4.00 5.61
C PHE A 27 20.56 -5.25 5.67
N TYR A 28 21.57 -5.19 6.53
CA TYR A 28 22.62 -6.21 6.62
C TYR A 28 22.79 -6.55 8.10
N GLN A 29 22.84 -7.85 8.40
CA GLN A 29 22.87 -8.32 9.78
C GLN A 29 24.11 -9.15 10.06
N VAL A 30 24.77 -8.88 11.17
CA VAL A 30 25.78 -9.80 11.72
C VAL A 30 25.92 -9.66 13.24
N ALA A 31 25.78 -10.79 13.93
CA ALA A 31 25.96 -10.88 15.38
C ALA A 31 25.15 -9.88 16.21
N GLY A 32 23.97 -9.50 15.74
CA GLY A 32 23.09 -8.63 16.52
C GLY A 32 23.20 -7.18 16.11
N ASN A 33 24.07 -6.92 15.15
CA ASN A 33 24.23 -5.57 14.64
C ASN A 33 23.55 -5.46 13.28
N VAL A 34 22.69 -4.45 13.13
CA VAL A 34 22.08 -4.15 11.84
C VAL A 34 22.75 -2.92 11.25
N SER A 35 23.17 -3.02 9.99
CA SER A 35 23.80 -1.90 9.34
C SER A 35 23.29 -1.77 7.90
N LEU A 36 23.70 -0.71 7.22
CA LEU A 36 23.34 -0.52 5.82
C LEU A 36 24.59 -0.81 4.98
N PHE A 37 24.48 -1.73 4.03
CA PHE A 37 25.66 -2.19 3.29
C PHE A 37 25.34 -2.47 1.82
N GLN A 38 26.35 -2.40 0.95
CA GLN A 38 26.17 -2.66 -0.47
C GLN A 38 25.60 -4.06 -0.66
N GLN A 39 25.05 -4.33 -1.84
CA GLN A 39 24.39 -5.61 -2.13
C GLN A 39 25.36 -6.78 -2.00
N THR A 40 24.97 -7.82 -1.27
CA THR A 40 25.81 -9.02 -1.13
C THR A 40 25.19 -10.26 -1.79
N ARG A 41 23.90 -10.21 -2.12
CA ARG A 41 23.22 -11.37 -2.72
C ARG A 41 23.43 -12.62 -1.89
N ASN A 42 23.31 -12.49 -0.57
CA ASN A 42 23.44 -13.65 0.29
C ASN A 42 22.64 -13.45 1.55
N TYR A 43 22.67 -14.44 2.45
CA TYR A 43 21.78 -14.47 3.60
C TYR A 43 21.96 -13.31 4.56
N LEU A 44 23.12 -12.64 4.52
CA LEU A 44 23.37 -11.53 5.42
C LEU A 44 22.40 -10.37 5.16
N GLU A 45 21.76 -10.36 3.99
CA GLU A 45 20.83 -9.29 3.61
C GLU A 45 19.42 -9.80 3.35
N ARG A 46 19.13 -10.99 3.88
CA ARG A 46 17.82 -11.60 3.67
C ARG A 46 17.09 -11.68 4.99
N TRP A 47 15.77 -11.50 4.93
CA TRP A 47 14.95 -11.37 6.11
C TRP A 47 13.65 -12.05 5.83
N ARG A 48 13.11 -12.77 6.82
CA ARG A 48 11.83 -13.42 6.62
C ARG A 48 10.78 -12.56 7.33
N LEU A 49 9.74 -12.18 6.60
CA LEU A 49 8.60 -11.45 7.17
C LEU A 49 7.66 -12.44 7.78
N ILE A 50 7.40 -12.28 9.08
CA ILE A 50 6.56 -13.22 9.81
C ILE A 50 5.33 -12.49 10.35
N TYR A 51 4.15 -12.85 9.84
CA TYR A 51 2.90 -12.16 10.13
C TYR A 51 2.20 -12.70 11.36
N ASP A 52 1.75 -11.78 12.21
CA ASP A 52 0.84 -12.13 13.30
C ASP A 52 -0.48 -11.40 12.99
N SER A 53 -1.52 -12.18 12.71
CA SER A 53 -2.82 -11.62 12.29
C SER A 53 -3.54 -10.83 13.37
N ASN A 54 -3.28 -11.19 14.63
CA ASN A 54 -3.90 -10.49 15.76
C ASN A 54 -3.37 -9.08 15.90
N LYS A 55 -2.06 -8.93 15.76
CA LYS A 55 -1.41 -7.61 15.88
C LYS A 55 -1.48 -6.90 14.54
N ALA A 56 -1.71 -7.66 13.48
CA ALA A 56 -1.59 -7.16 12.09
C ALA A 56 -0.25 -6.45 11.92
N ALA A 57 0.81 -7.17 12.26
CA ALA A 57 2.14 -6.61 12.23
C ALA A 57 3.12 -7.76 11.98
N TYR A 58 4.35 -7.43 11.64
CA TYR A 58 5.29 -8.42 11.16
C TYR A 58 6.56 -8.41 12.01
N LYS A 59 7.10 -9.60 12.28
CA LYS A 59 8.50 -9.68 12.69
C LYS A 59 9.35 -9.71 11.45
N ILE A 60 10.54 -9.10 11.56
CA ILE A 60 11.50 -9.11 10.49
C ILE A 60 12.73 -9.92 10.94
N LYS A 61 12.75 -11.20 10.53
CA LYS A 61 13.71 -12.18 11.03
C LYS A 61 14.92 -12.34 10.13
N SER A 62 16.11 -12.20 10.70
CA SER A 62 17.33 -12.36 9.91
C SER A 62 17.49 -13.83 9.48
N MET A 63 17.91 -14.01 8.24
CA MET A 63 18.22 -15.35 7.72
C MET A 63 19.66 -15.73 8.02
N ASP A 64 20.23 -15.15 9.08
CA ASP A 64 21.58 -15.56 9.48
C ASP A 64 21.69 -17.06 9.64
N ILE A 65 22.72 -17.67 9.10
CA ILE A 65 22.82 -19.12 9.15
C ILE A 65 23.29 -19.67 10.50
N HIS A 66 23.95 -18.82 11.30
CA HIS A 66 24.53 -19.27 12.57
C HIS A 66 23.60 -19.02 13.77
N ASN A 67 23.16 -17.77 13.89
CA ASN A 67 22.14 -17.42 14.89
C ASN A 67 20.79 -17.39 14.17
N THR A 68 19.96 -18.38 14.46
CA THR A 68 18.77 -18.60 13.67
C THR A 68 17.50 -17.99 14.24
N ASN A 69 17.59 -17.23 15.33
CA ASN A 69 16.38 -16.65 15.90
C ASN A 69 16.44 -15.14 16.18
N LEU A 70 17.19 -14.42 15.37
CA LEU A 70 17.38 -12.99 15.54
C LEU A 70 16.31 -12.24 14.72
N VAL A 71 15.69 -11.23 15.35
CA VAL A 71 14.68 -10.39 14.70
C VAL A 71 14.96 -8.90 14.95
N LEU A 72 14.58 -8.08 13.98
CA LEU A 72 14.84 -6.66 14.04
C LEU A 72 14.13 -6.13 15.29
N THR A 73 14.88 -5.42 16.12
CA THR A 73 14.40 -5.04 17.45
C THR A 73 14.66 -3.57 17.72
N TRP A 74 13.65 -2.87 18.22
CA TRP A 74 13.85 -1.48 18.61
C TRP A 74 14.33 -1.44 20.06
N ASN A 75 15.51 -0.86 20.29
CA ASN A 75 16.06 -0.80 21.64
C ASN A 75 15.46 0.34 22.48
N ALA A 76 14.13 0.31 22.70
CA ALA A 76 13.48 1.30 23.55
C ALA A 76 14.17 1.33 24.94
N PRO A 77 14.32 2.52 25.54
CA PRO A 77 13.82 3.84 25.13
C PRO A 77 14.73 4.62 24.17
N THR A 78 15.83 4.02 23.71
CA THR A 78 16.69 4.75 22.79
C THR A 78 16.05 4.75 21.42
N HIS A 79 16.66 5.44 20.47
CA HIS A 79 16.18 5.33 19.11
C HIS A 79 16.91 4.25 18.28
N ASN A 80 17.75 3.43 18.94
CA ASN A 80 18.56 2.43 18.23
C ASN A 80 17.80 1.16 17.85
N ILE A 81 18.32 0.49 16.83
CA ILE A 81 17.77 -0.73 16.27
C ILE A 81 18.87 -1.82 16.38
N SER A 82 18.51 -3.06 16.61
CA SER A 82 19.47 -4.16 16.55
C SER A 82 18.73 -5.43 16.20
N THR A 83 19.44 -6.57 16.20
CA THR A 83 18.76 -7.85 16.11
C THR A 83 18.99 -8.53 17.45
N GLN A 84 17.91 -9.04 18.03
CA GLN A 84 17.94 -9.66 19.35
C GLN A 84 17.17 -10.96 19.18
N GLN A 85 17.32 -11.88 20.15
CA GLN A 85 16.60 -13.14 20.12
C GLN A 85 15.10 -12.86 20.10
N ASP A 86 14.38 -13.68 19.34
CA ASP A 86 12.95 -13.50 19.13
C ASP A 86 12.20 -13.94 20.40
N SER A 87 11.56 -12.97 21.06
CA SER A 87 10.73 -13.31 22.22
C SER A 87 9.30 -12.83 21.93
N ASN A 88 9.03 -12.52 20.67
CA ASN A 88 7.71 -12.12 20.23
C ASN A 88 7.23 -10.84 20.93
N ALA A 89 8.17 -9.95 21.23
CA ALA A 89 7.86 -8.73 21.98
C ALA A 89 7.32 -7.61 21.07
N ASP A 90 6.54 -6.69 21.62
CA ASP A 90 5.94 -5.64 20.79
C ASP A 90 7.02 -4.81 20.11
N ASN A 91 8.19 -4.71 20.73
CA ASN A 91 9.25 -3.92 20.12
C ASN A 91 10.01 -4.72 19.05
N GLN A 92 9.53 -5.93 18.79
CA GLN A 92 10.03 -6.73 17.67
C GLN A 92 8.99 -6.87 16.54
N TYR A 93 7.91 -6.09 16.62
CA TYR A 93 6.89 -6.11 15.58
C TYR A 93 6.83 -4.77 14.86
N TRP A 94 6.42 -4.83 13.60
CA TRP A 94 6.53 -3.73 12.68
C TRP A 94 5.31 -3.69 11.76
N LEU A 95 4.80 -2.49 11.50
CA LEU A 95 3.72 -2.31 10.54
C LEU A 95 4.38 -2.04 9.22
N LEU A 96 4.01 -2.77 8.18
CA LEU A 96 4.56 -2.53 6.86
C LEU A 96 3.50 -1.74 6.09
N LEU A 97 3.79 -0.47 5.88
CA LEU A 97 2.80 0.44 5.31
C LEU A 97 3.26 0.78 3.92
N LYS A 98 2.56 0.27 2.93
CA LYS A 98 2.99 0.48 1.54
C LYS A 98 2.46 1.80 0.98
N ASP A 99 3.41 2.65 0.64
CA ASP A 99 3.13 3.95 0.07
C ASP A 99 2.78 3.73 -1.39
N ILE A 100 1.48 3.71 -1.69
CA ILE A 100 1.05 3.31 -3.04
C ILE A 100 1.44 4.37 -4.07
N GLY A 101 1.86 3.90 -5.25
CA GLY A 101 2.34 4.81 -6.27
C GLY A 101 3.82 5.16 -6.18
N ASN A 102 4.43 4.94 -5.01
CA ASN A 102 5.84 5.25 -4.80
C ASN A 102 6.64 3.95 -4.74
N ASN A 103 5.94 2.82 -4.77
CA ASN A 103 6.53 1.49 -4.62
C ASN A 103 7.54 1.35 -3.45
N SER A 104 7.19 1.90 -2.30
CA SER A 104 8.12 1.84 -1.16
C SER A 104 7.31 1.66 0.09
N PHE A 105 7.98 1.37 1.19
CA PHE A 105 7.31 1.08 2.45
C PHE A 105 7.79 2.02 3.53
N ILE A 106 6.86 2.41 4.39
CA ILE A 106 7.24 3.00 5.64
C ILE A 106 7.11 1.89 6.66
N ILE A 107 8.09 1.77 7.54
CA ILE A 107 8.11 0.63 8.45
C ILE A 107 8.00 1.17 9.86
N ALA A 108 6.83 1.01 10.45
CA ALA A 108 6.53 1.66 11.72
C ALA A 108 6.61 0.67 12.87
N SER A 109 7.08 1.14 14.02
CA SER A 109 7.12 0.26 15.18
C SER A 109 5.72 -0.07 15.67
N TYR A 110 5.43 -1.36 15.84
CA TYR A 110 4.16 -1.78 16.37
C TYR A 110 4.02 -1.33 17.83
N LYS A 111 5.14 -1.31 18.54
CA LYS A 111 5.12 -0.94 19.95
C LYS A 111 4.71 0.52 20.06
N ASN A 112 5.26 1.35 19.17
CA ASN A 112 4.93 2.77 19.17
C ASN A 112 4.90 3.31 17.76
N PRO A 113 3.73 3.30 17.11
CA PRO A 113 3.67 3.70 15.69
C PRO A 113 3.97 5.17 15.44
N ASN A 114 4.13 5.99 16.48
CA ASN A 114 4.66 7.34 16.27
C ASN A 114 6.04 7.30 15.61
N LEU A 115 6.74 6.17 15.72
CA LEU A 115 8.13 6.07 15.29
C LEU A 115 8.29 5.07 14.14
N VAL A 116 9.14 5.40 13.17
CA VAL A 116 9.33 4.57 12.00
C VAL A 116 10.83 4.45 11.74
N LEU A 117 11.22 3.42 11.00
CA LEU A 117 12.62 3.24 10.60
C LEU A 117 13.09 4.39 9.74
N TYR A 118 14.31 4.83 10.03
CA TYR A 118 14.95 5.94 9.33
C TYR A 118 16.36 5.48 8.96
N ALA A 119 16.73 5.67 7.69
CA ALA A 119 18.06 5.27 7.18
C ALA A 119 19.09 6.40 7.31
N ASP A 120 20.06 6.20 8.19
CA ASP A 120 21.18 7.14 8.28
C ASP A 120 22.22 6.66 7.27
N THR A 121 22.22 7.25 6.08
CA THR A 121 23.04 6.74 4.98
C THR A 121 24.49 7.13 5.10
N VAL A 122 24.81 7.96 6.08
CA VAL A 122 26.19 8.38 6.26
C VAL A 122 26.85 7.69 7.47
N ALA A 123 26.06 7.36 8.48
CA ALA A 123 26.53 6.44 9.51
C ALA A 123 26.31 4.97 9.06
N ARG A 124 25.50 4.79 8.01
CA ARG A 124 25.19 3.45 7.49
C ARG A 124 24.52 2.55 8.53
N ASN A 125 23.56 3.09 9.27
CA ASN A 125 22.76 2.26 10.15
C ASN A 125 21.32 2.78 10.23
N LEU A 126 20.53 2.20 11.11
CA LEU A 126 19.11 2.51 11.17
C LEU A 126 18.82 3.11 12.54
N LYS A 127 17.84 3.99 12.58
CA LYS A 127 17.32 4.46 13.87
C LYS A 127 15.81 4.64 13.75
N LEU A 128 15.16 4.89 14.88
CA LEU A 128 13.75 5.26 14.84
C LEU A 128 13.59 6.77 14.75
N SER A 129 12.56 7.22 14.06
CA SER A 129 12.35 8.64 13.85
C SER A 129 10.86 8.91 13.77
N THR A 130 10.46 10.15 14.04
CA THR A 130 9.10 10.55 13.73
C THR A 130 9.00 10.72 12.20
N LEU A 131 7.80 10.92 11.70
CA LEU A 131 7.62 10.88 10.25
C LEU A 131 7.98 12.18 9.56
N ASN A 132 8.29 12.07 8.27
CA ASN A 132 8.51 13.26 7.45
C ASN A 132 8.29 12.82 6.00
N ASN A 133 8.59 13.70 5.05
CA ASN A 133 8.33 13.41 3.65
C ASN A 133 9.58 13.02 2.88
N SER A 134 10.66 12.66 3.58
CA SER A 134 11.93 12.37 2.91
C SER A 134 11.98 10.89 2.54
N ASN A 135 12.89 10.53 1.65
CA ASN A 135 13.08 9.13 1.34
C ASN A 135 13.82 8.36 2.42
N TYR A 136 14.30 9.06 3.46
CA TYR A 136 15.07 8.37 4.52
C TYR A 136 14.21 7.44 5.35
N ILE A 137 12.89 7.64 5.28
CA ILE A 137 11.97 6.73 5.99
C ILE A 137 11.25 5.76 5.06
N LYS A 138 11.74 5.64 3.82
CA LYS A 138 11.07 4.81 2.84
C LYS A 138 12.00 3.68 2.40
N PHE A 139 11.45 2.47 2.29
CA PHE A 139 12.25 1.29 1.98
C PHE A 139 11.64 0.44 0.87
N ILE A 140 12.51 -0.23 0.12
CA ILE A 140 12.10 -1.12 -0.95
C ILE A 140 12.21 -2.55 -0.42
N ILE A 141 11.07 -3.23 -0.38
CA ILE A 141 11.04 -4.59 0.12
C ILE A 141 10.79 -5.42 -1.10
N GLU A 142 11.69 -6.39 -1.34
CA GLU A 142 11.65 -7.16 -2.56
C GLU A 142 11.97 -8.64 -2.31
N ASP A 143 11.19 -9.52 -2.93
CA ASP A 143 11.50 -10.94 -2.94
C ASP A 143 13.02 -11.11 -3.21
N TYR A 144 13.70 -11.93 -2.42
CA TYR A 144 15.16 -11.92 -2.49
C TYR A 144 15.70 -12.42 -3.81
N ILE A 145 14.95 -13.29 -4.49
CA ILE A 145 15.38 -13.79 -5.79
C ILE A 145 15.35 -12.68 -6.84
N ILE A 146 14.23 -11.97 -6.91
CA ILE A 146 14.13 -10.81 -7.81
C ILE A 146 15.24 -9.84 -7.48
N SER A 147 15.42 -9.57 -6.19
CA SER A 147 16.46 -8.67 -5.73
C SER A 147 17.85 -9.12 -6.22
N ASP A 148 18.16 -10.42 -6.04
CA ASP A 148 19.47 -10.92 -6.46
C ASP A 148 19.68 -10.90 -7.99
N LEU A 149 18.65 -11.27 -8.74
CA LEU A 149 18.81 -11.45 -10.19
C LEU A 149 18.58 -10.19 -11.01
N ASN A 150 17.80 -9.26 -10.47
CA ASN A 150 17.42 -8.07 -11.25
C ASN A 150 18.68 -7.25 -11.51
N ASN A 151 18.95 -7.01 -12.79
CA ASN A 151 20.15 -6.31 -13.26
C ASN A 151 21.46 -7.05 -12.97
N PHE A 152 21.37 -8.36 -12.76
CA PHE A 152 22.55 -9.18 -12.53
C PHE A 152 23.12 -9.67 -13.87
N THR A 153 24.39 -9.34 -14.12
CA THR A 153 25.09 -9.88 -15.29
C THR A 153 25.75 -11.24 -14.93
N CYS A 154 25.34 -12.28 -15.63
CA CYS A 154 25.69 -13.63 -15.22
C CYS A 154 26.19 -14.48 -16.37
N LYS A 155 26.69 -15.66 -16.03
CA LYS A 155 26.83 -16.71 -17.02
C LYS A 155 25.92 -17.84 -16.56
N ILE A 156 25.41 -18.58 -17.52
CA ILE A 156 24.43 -19.60 -17.24
C ILE A 156 24.96 -20.97 -17.68
N SER A 157 25.01 -21.90 -16.73
CA SER A 157 25.60 -23.22 -17.01
C SER A 157 24.62 -24.36 -16.74
N PRO A 158 24.63 -25.41 -17.58
CA PRO A 158 23.87 -26.61 -17.23
C PRO A 158 24.55 -27.27 -16.02
N ILE A 159 23.78 -27.84 -15.10
CA ILE A 159 24.40 -28.55 -13.98
C ILE A 159 25.09 -29.85 -14.43
N LEU A 160 24.84 -30.27 -15.67
CA LEU A 160 25.48 -31.47 -16.21
C LEU A 160 26.95 -31.21 -16.55
N ASP A 161 27.29 -29.95 -16.82
CA ASP A 161 28.69 -29.52 -16.85
C ASP A 161 28.89 -28.03 -16.66
N LEU A 162 29.35 -27.69 -15.47
CA LEU A 162 29.54 -26.30 -15.05
C LEU A 162 30.71 -25.61 -15.76
N ASN A 163 31.48 -26.37 -16.54
CA ASN A 163 32.54 -25.78 -17.34
C ASN A 163 32.05 -25.21 -18.68
N LYS A 164 30.77 -25.47 -19.00
CA LYS A 164 30.15 -24.98 -20.23
C LYS A 164 29.06 -23.98 -19.93
N VAL A 165 28.79 -23.09 -20.89
CA VAL A 165 27.79 -22.04 -20.75
C VAL A 165 26.87 -21.95 -21.95
N VAL A 166 25.64 -21.52 -21.68
CA VAL A 166 24.71 -21.09 -22.70
C VAL A 166 25.24 -19.82 -23.35
N GLN A 167 25.43 -19.85 -24.65
CA GLN A 167 25.97 -18.68 -25.34
C GLN A 167 25.22 -18.35 -26.64
N GLN A 168 25.22 -17.06 -26.98
CA GLN A 168 24.92 -16.66 -28.34
C GLN A 168 26.19 -16.93 -29.18
N VAL A 169 26.02 -17.39 -30.41
CA VAL A 169 27.17 -17.82 -31.23
C VAL A 169 28.16 -16.68 -31.51
N ASP A 170 27.69 -15.62 -32.15
CA ASP A 170 28.42 -14.36 -32.19
C ASP A 170 27.45 -13.22 -32.47
N VAL A 171 27.98 -12.03 -32.72
CA VAL A 171 27.14 -10.83 -32.80
C VAL A 171 26.09 -10.90 -33.93
N THR A 172 26.48 -11.48 -35.07
CA THR A 172 25.58 -11.68 -36.20
C THR A 172 24.79 -13.00 -36.14
N ASN A 173 25.42 -14.05 -35.62
CA ASN A 173 24.77 -15.37 -35.51
C ASN A 173 23.98 -15.48 -34.20
N LEU A 174 22.66 -15.34 -34.29
CA LEU A 174 21.82 -15.22 -33.09
C LEU A 174 21.45 -16.56 -32.43
N ASN A 175 21.92 -17.67 -32.99
CA ASN A 175 21.65 -18.97 -32.41
C ASN A 175 22.24 -19.13 -31.01
N VAL A 176 21.61 -19.99 -30.22
CA VAL A 176 22.04 -20.21 -28.84
C VAL A 176 22.46 -21.66 -28.65
N ASN A 177 23.70 -21.85 -28.21
CA ASN A 177 24.20 -23.21 -27.99
C ASN A 177 25.10 -23.31 -26.76
N LEU A 178 25.52 -24.53 -26.45
CA LEU A 178 26.39 -24.76 -25.30
C LEU A 178 27.84 -24.70 -25.75
N TYR A 179 28.65 -23.95 -25.01
CA TYR A 179 30.08 -23.90 -25.31
C TYR A 179 30.92 -23.76 -24.05
N THR A 180 32.16 -24.20 -24.13
CA THR A 180 33.13 -23.99 -23.06
C THR A 180 33.23 -22.49 -22.73
N TRP A 181 33.27 -22.18 -21.44
CA TRP A 181 33.39 -20.79 -20.99
C TRP A 181 34.73 -20.21 -21.45
N ASP A 182 34.67 -19.11 -22.20
CA ASP A 182 35.89 -18.44 -22.65
C ASP A 182 35.93 -16.94 -22.28
N TYR A 183 34.96 -16.50 -21.47
CA TYR A 183 34.90 -15.13 -20.94
C TYR A 183 34.38 -14.09 -21.95
N GLY A 184 33.92 -14.53 -23.11
CA GLY A 184 33.39 -13.62 -24.13
C GLY A 184 32.05 -13.01 -23.72
N ARG A 185 31.73 -11.83 -24.27
CA ARG A 185 30.47 -11.15 -23.92
C ARG A 185 29.24 -11.87 -24.46
N ASN A 186 29.43 -12.66 -25.52
CA ASN A 186 28.37 -13.49 -26.07
C ASN A 186 28.04 -14.65 -25.11
N GLN A 187 28.86 -14.81 -24.08
CA GLN A 187 28.62 -15.83 -23.08
C GLN A 187 28.05 -15.24 -21.78
N LYS A 188 27.82 -13.93 -21.77
CA LYS A 188 27.26 -13.29 -20.57
C LYS A 188 25.88 -12.68 -20.85
N TRP A 189 25.02 -12.68 -19.82
CA TRP A 189 23.65 -12.24 -19.96
C TRP A 189 23.26 -11.36 -18.78
N THR A 190 22.58 -10.28 -19.07
CA THR A 190 22.08 -9.40 -18.02
C THR A 190 20.60 -9.65 -17.85
N ILE A 191 20.24 -10.11 -16.66
CA ILE A 191 18.85 -10.39 -16.32
C ILE A 191 18.17 -9.08 -15.89
N ARG A 192 16.94 -8.86 -16.36
CA ARG A 192 16.13 -7.70 -15.98
C ARG A 192 14.72 -8.14 -15.68
N TYR A 193 14.23 -7.79 -14.50
CA TYR A 193 12.86 -8.13 -14.11
C TYR A 193 11.88 -7.11 -14.68
N ASN A 194 10.83 -7.61 -15.35
CA ASN A 194 9.78 -6.73 -15.83
C ASN A 194 8.62 -6.71 -14.83
N GLU A 195 8.49 -5.59 -14.12
CA GLU A 195 7.48 -5.38 -13.10
C GLU A 195 6.07 -5.74 -13.57
N GLU A 196 5.69 -5.22 -14.73
CA GLU A 196 4.34 -5.41 -15.27
C GLU A 196 4.06 -6.88 -15.56
N LYS A 197 5.00 -7.53 -16.22
CA LYS A 197 4.82 -8.90 -16.67
C LYS A 197 5.10 -9.92 -15.57
N ALA A 198 5.70 -9.45 -14.47
CA ALA A 198 6.19 -10.37 -13.43
C ALA A 198 7.02 -11.50 -14.08
N ALA A 199 7.93 -11.09 -14.95
CA ALA A 199 8.77 -12.04 -15.68
C ALA A 199 10.12 -11.40 -16.04
N TYR A 200 11.09 -12.22 -16.43
CA TYR A 200 12.40 -11.69 -16.74
C TYR A 200 12.81 -11.83 -18.20
N GLN A 201 13.71 -10.96 -18.62
CA GLN A 201 14.43 -11.18 -19.87
C GLN A 201 15.90 -11.36 -19.57
N PHE A 202 16.57 -12.05 -20.49
CA PHE A 202 18.00 -12.25 -20.43
C PHE A 202 18.60 -11.50 -21.61
N PHE A 203 19.25 -10.37 -21.37
CA PHE A 203 19.91 -9.64 -22.45
C PHE A 203 21.33 -10.14 -22.64
N ASN A 204 21.64 -10.71 -23.81
CA ASN A 204 23.03 -11.04 -24.13
C ASN A 204 23.90 -9.79 -24.17
N THR A 205 25.07 -9.83 -23.54
CA THR A 205 25.87 -8.61 -23.46
C THR A 205 26.68 -8.28 -24.72
N ILE A 206 26.64 -9.14 -25.73
CA ILE A 206 27.34 -8.80 -26.98
C ILE A 206 26.50 -7.83 -27.82
N LEU A 207 25.20 -7.78 -27.51
CA LEU A 207 24.24 -6.89 -28.16
C LEU A 207 23.65 -5.92 -27.13
N SER A 208 22.86 -4.95 -27.60
CA SER A 208 22.22 -3.98 -26.72
C SER A 208 20.77 -4.38 -26.40
N ASN A 209 20.03 -4.74 -27.43
CA ASN A 209 18.60 -5.05 -27.30
C ASN A 209 18.22 -6.49 -27.69
N GLY A 210 19.16 -7.42 -27.54
CA GLY A 210 18.89 -8.82 -27.87
C GLY A 210 18.59 -9.68 -26.65
N VAL A 211 17.45 -10.38 -26.70
CA VAL A 211 17.00 -11.18 -25.56
C VAL A 211 16.81 -12.64 -25.92
N LEU A 212 17.09 -13.52 -24.95
CA LEU A 212 16.81 -14.96 -25.10
C LEU A 212 15.32 -15.14 -25.39
N THR A 213 15.02 -15.81 -26.51
CA THR A 213 13.65 -15.92 -27.00
C THR A 213 13.30 -17.34 -27.48
N TRP A 214 12.13 -17.84 -27.07
CA TRP A 214 11.59 -19.07 -27.65
C TRP A 214 10.96 -18.78 -29.04
N ILE A 215 11.56 -19.32 -30.08
CA ILE A 215 11.04 -19.16 -31.44
C ILE A 215 9.93 -20.19 -31.70
N PHE A 216 8.77 -19.92 -31.11
CA PHE A 216 7.67 -20.87 -31.09
C PHE A 216 7.09 -21.18 -32.48
N SER A 217 7.39 -20.34 -33.47
CA SER A 217 6.94 -20.62 -34.84
C SER A 217 7.89 -21.62 -35.51
N ASN A 218 8.97 -21.94 -34.80
CA ASN A 218 9.89 -22.98 -35.23
C ASN A 218 10.02 -23.99 -34.09
N GLY A 219 8.91 -24.62 -33.74
CA GLY A 219 8.88 -25.64 -32.70
C GLY A 219 9.54 -25.26 -31.37
N ASN A 220 10.62 -25.96 -31.04
CA ASN A 220 11.29 -25.81 -29.73
C ASN A 220 12.58 -24.95 -29.74
N THR A 221 12.86 -24.31 -30.88
CA THR A 221 14.08 -23.52 -31.02
C THR A 221 14.09 -22.31 -30.08
N VAL A 222 15.23 -22.02 -29.47
CA VAL A 222 15.40 -20.70 -28.84
C VAL A 222 16.59 -19.97 -29.43
N ARG A 223 16.38 -18.69 -29.70
CA ARG A 223 17.40 -17.83 -30.26
C ARG A 223 17.37 -16.49 -29.53
N VAL A 224 18.41 -15.68 -29.71
CA VAL A 224 18.31 -14.29 -29.34
C VAL A 224 17.56 -13.54 -30.46
N SER A 225 16.67 -12.63 -30.09
CA SER A 225 16.11 -11.65 -31.03
C SER A 225 15.92 -10.30 -30.33
N SER A 226 15.52 -9.27 -31.05
CA SER A 226 15.43 -7.93 -30.49
C SER A 226 14.27 -7.73 -29.49
N SER A 227 14.53 -6.92 -28.45
CA SER A 227 13.55 -6.58 -27.42
C SER A 227 12.70 -5.35 -27.77
N ASN A 228 12.80 -4.89 -29.02
CA ASN A 228 11.87 -3.87 -29.51
C ASN A 228 10.76 -4.53 -30.34
N ASP A 229 10.74 -5.86 -30.28
CA ASP A 229 9.52 -6.65 -30.41
C ASP A 229 8.95 -6.62 -29.00
N GLN A 230 7.75 -6.07 -28.82
CA GLN A 230 7.34 -5.55 -27.51
C GLN A 230 6.38 -6.42 -26.69
N ASN A 231 5.36 -6.95 -27.37
CA ASN A 231 4.41 -7.86 -26.73
C ASN A 231 4.60 -9.28 -27.24
N ASN A 232 5.78 -9.83 -26.96
CA ASN A 232 6.00 -11.23 -27.16
C ASN A 232 6.35 -11.85 -25.80
N ASP A 233 5.41 -12.61 -25.25
CA ASP A 233 5.62 -13.28 -23.98
C ASP A 233 6.74 -14.32 -24.09
N ALA A 234 6.97 -14.82 -25.31
CA ALA A 234 8.05 -15.75 -25.59
C ALA A 234 9.45 -15.18 -25.32
N GLN A 235 9.53 -13.86 -25.11
CA GLN A 235 10.79 -13.20 -24.78
C GLN A 235 11.04 -13.18 -23.28
N TYR A 236 10.04 -13.56 -22.51
CA TYR A 236 10.09 -13.41 -21.07
C TYR A 236 10.11 -14.77 -20.37
N TRP A 237 10.73 -14.82 -19.19
CA TRP A 237 10.92 -16.09 -18.49
C TRP A 237 10.64 -16.01 -16.98
N LEU A 238 10.14 -17.11 -16.43
CA LEU A 238 10.08 -17.31 -15.00
C LEU A 238 11.37 -18.00 -14.54
N ILE A 239 11.95 -17.51 -13.45
CA ILE A 239 13.17 -18.10 -12.92
C ILE A 239 12.94 -18.59 -11.49
N ASN A 240 12.87 -19.91 -11.32
CA ASN A 240 12.45 -20.51 -10.07
C ASN A 240 13.61 -21.27 -9.45
N PRO A 241 13.94 -20.95 -8.18
CA PRO A 241 15.05 -21.64 -7.50
C PRO A 241 14.77 -23.12 -7.30
N VAL A 242 15.82 -23.94 -7.34
CA VAL A 242 15.73 -25.34 -6.99
C VAL A 242 16.07 -25.48 -5.50
N SER A 243 15.27 -26.21 -4.75
CA SER A 243 15.51 -26.38 -3.31
C SER A 243 16.93 -26.85 -2.96
N ASP A 244 17.41 -26.41 -1.79
CA ASP A 244 18.73 -26.79 -1.24
C ASP A 244 19.91 -26.14 -1.95
N THR A 245 19.65 -25.43 -3.03
CA THR A 245 20.73 -24.85 -3.80
C THR A 245 20.72 -23.33 -3.74
N ASP A 246 21.91 -22.75 -3.87
CA ASP A 246 22.09 -21.30 -3.89
C ASP A 246 22.12 -20.71 -5.30
N GLU A 247 22.45 -21.53 -6.30
CA GLU A 247 22.63 -21.00 -7.66
C GLU A 247 21.83 -21.71 -8.75
N THR A 248 21.03 -22.70 -8.39
CA THR A 248 20.41 -23.55 -9.41
C THR A 248 18.96 -23.15 -9.64
N TYR A 249 18.58 -23.03 -10.91
CA TYR A 249 17.24 -22.56 -11.26
C TYR A 249 16.66 -23.38 -12.39
N THR A 250 15.33 -23.45 -12.41
CA THR A 250 14.61 -23.85 -13.61
C THR A 250 14.09 -22.56 -14.25
N ILE A 251 14.11 -22.53 -15.58
CA ILE A 251 13.78 -21.33 -16.34
C ILE A 251 12.66 -21.64 -17.32
N THR A 252 11.47 -21.08 -17.08
CA THR A 252 10.30 -21.43 -17.87
C THR A 252 9.74 -20.24 -18.68
N ASN A 253 9.21 -20.54 -19.87
CA ASN A 253 8.80 -19.47 -20.78
C ASN A 253 7.43 -18.90 -20.44
N LEU A 254 7.32 -17.56 -20.50
CA LEU A 254 6.09 -16.87 -20.11
C LEU A 254 4.90 -17.18 -21.04
N ARG A 255 5.18 -17.45 -22.32
CA ARG A 255 4.12 -17.77 -23.28
C ARG A 255 3.40 -19.05 -22.88
N ASP A 256 4.19 -20.04 -22.46
CA ASP A 256 3.67 -21.33 -22.03
C ASP A 256 4.62 -21.82 -20.97
N THR A 257 4.20 -21.71 -19.71
CA THR A 257 5.06 -22.01 -18.56
C THR A 257 5.42 -23.50 -18.42
N THR A 258 4.79 -24.34 -19.23
CA THR A 258 5.13 -25.77 -19.28
C THR A 258 6.39 -25.99 -20.10
N LYS A 259 6.87 -24.94 -20.76
CA LYS A 259 8.06 -25.00 -21.58
C LYS A 259 9.25 -24.50 -20.77
N ALA A 260 10.22 -25.38 -20.55
CA ALA A 260 11.39 -25.05 -19.74
C ALA A 260 12.63 -24.98 -20.63
N LEU A 261 13.53 -24.07 -20.29
CA LEU A 261 14.84 -24.05 -20.95
C LEU A 261 15.47 -25.44 -20.76
N ASP A 262 15.99 -26.00 -21.85
CA ASP A 262 16.28 -27.42 -21.92
C ASP A 262 17.58 -27.64 -22.68
N LEU A 263 18.48 -28.43 -22.12
CA LEU A 263 19.71 -28.78 -22.81
C LEU A 263 19.42 -30.02 -23.66
N TYR A 264 19.56 -29.86 -24.98
CA TYR A 264 19.15 -30.90 -25.93
C TYR A 264 19.80 -32.23 -25.64
N GLY A 265 18.96 -33.24 -25.34
CA GLY A 265 19.42 -34.59 -25.09
C GLY A 265 20.06 -34.80 -23.73
N GLY A 266 20.45 -33.71 -23.07
CA GLY A 266 21.34 -33.77 -21.93
C GLY A 266 22.77 -33.95 -22.43
N GLN A 267 22.98 -33.66 -23.71
CA GLN A 267 24.31 -33.76 -24.32
C GLN A 267 25.15 -32.55 -23.93
N THR A 268 26.44 -32.77 -23.71
CA THR A 268 27.29 -31.75 -23.08
C THR A 268 28.41 -31.26 -24.03
N ALA A 269 28.46 -31.88 -25.21
CA ALA A 269 29.39 -31.51 -26.28
C ALA A 269 29.26 -30.04 -26.67
N ASN A 270 30.38 -29.45 -27.13
CA ASN A 270 30.38 -28.09 -27.70
C ASN A 270 29.46 -27.99 -28.91
N GLY A 271 28.59 -26.97 -28.91
CA GLY A 271 27.69 -26.75 -30.02
C GLY A 271 26.29 -27.32 -29.82
N THR A 272 26.12 -28.09 -28.73
CA THR A 272 24.82 -28.66 -28.37
C THR A 272 23.72 -27.60 -28.31
N ALA A 273 22.54 -27.94 -28.82
CA ALA A 273 21.42 -27.01 -28.86
C ALA A 273 20.86 -26.65 -27.48
N ILE A 274 20.51 -25.38 -27.31
CA ILE A 274 19.69 -24.99 -26.18
C ILE A 274 18.32 -24.77 -26.78
N GLN A 275 17.29 -25.30 -26.14
CA GLN A 275 15.95 -25.26 -26.72
C GLN A 275 14.98 -25.12 -25.57
N VAL A 276 13.69 -25.19 -25.88
CA VAL A 276 12.70 -25.40 -24.84
C VAL A 276 12.14 -26.81 -24.97
N PHE A 277 11.67 -27.35 -23.86
CA PHE A 277 11.02 -28.65 -23.87
C PHE A 277 9.99 -28.67 -22.76
N ASN A 278 9.00 -29.55 -22.88
CA ASN A 278 8.04 -29.75 -21.81
C ASN A 278 8.77 -30.01 -20.49
N TYR A 279 8.31 -29.36 -19.43
CA TYR A 279 9.02 -29.42 -18.16
C TYR A 279 8.83 -30.77 -17.46
N HIS A 280 9.94 -31.39 -17.06
CA HIS A 280 9.89 -32.59 -16.22
C HIS A 280 10.81 -32.47 -15.00
N GLY A 281 11.69 -31.48 -15.02
CA GLY A 281 12.58 -31.23 -13.91
C GLY A 281 13.80 -32.14 -13.88
N ASP A 282 14.13 -32.73 -15.02
CA ASP A 282 15.33 -33.54 -15.12
C ASP A 282 16.55 -32.62 -15.04
N ASP A 283 17.73 -33.21 -14.88
CA ASP A 283 18.95 -32.43 -14.71
C ASP A 283 19.30 -31.53 -15.90
N ASN A 284 18.84 -31.91 -17.09
CA ASN A 284 19.06 -31.11 -18.29
C ASN A 284 18.11 -29.92 -18.41
N GLN A 285 17.25 -29.74 -17.41
CA GLN A 285 16.40 -28.55 -17.35
C GLN A 285 16.74 -27.68 -16.13
N LYS A 286 17.90 -27.95 -15.51
CA LYS A 286 18.38 -27.14 -14.37
C LYS A 286 19.63 -26.34 -14.73
N TRP A 287 19.66 -25.10 -14.28
CA TRP A 287 20.68 -24.14 -14.69
C TRP A 287 21.29 -23.41 -13.53
N ASN A 288 22.62 -23.36 -13.52
CA ASN A 288 23.32 -22.48 -12.58
C ASN A 288 23.56 -21.09 -13.14
N ILE A 289 23.02 -20.10 -12.43
CA ILE A 289 23.18 -18.70 -12.81
C ILE A 289 24.21 -18.14 -11.85
N ARG A 290 25.32 -17.68 -12.39
CA ARG A 290 26.50 -17.42 -11.59
C ARG A 290 27.19 -16.15 -11.99
N ASN A 291 27.88 -15.56 -11.02
CA ASN A 291 28.84 -14.52 -11.30
C ASN A 291 29.85 -14.98 -12.33
N PRO A 292 30.07 -14.15 -13.35
CA PRO A 292 31.26 -14.33 -14.20
C PRO A 292 32.51 -14.01 -13.35
N PRO A 293 33.44 -14.97 -13.27
CA PRO A 293 34.67 -14.77 -12.49
C PRO A 293 35.53 -13.61 -13.00
N VAL B 4 10.14 33.87 45.06
CA VAL B 4 11.56 33.52 45.20
C VAL B 4 11.98 32.35 44.31
N GLU B 5 13.17 32.41 43.76
CA GLU B 5 13.61 31.55 42.68
C GLU B 5 14.11 30.19 43.14
N ARG B 6 13.54 29.15 42.58
CA ARG B 6 13.81 27.79 43.01
C ARG B 6 14.57 27.02 41.94
N THR B 7 14.69 27.63 40.77
CA THR B 7 15.15 26.90 39.58
C THR B 7 15.82 27.80 38.53
N PHE B 8 16.08 27.22 37.35
CA PHE B 8 16.80 27.91 36.28
C PHE B 8 15.89 28.80 35.43
N LEU B 9 14.58 28.71 35.65
CA LEU B 9 13.61 29.46 34.84
C LEU B 9 12.66 30.23 35.77
N PRO B 10 12.84 31.56 35.89
CA PRO B 10 12.00 32.31 36.84
C PRO B 10 10.49 32.34 36.51
N ASN B 11 9.67 32.47 37.55
CA ASN B 11 8.22 32.57 37.35
C ASN B 11 7.85 33.83 36.61
N GLY B 12 6.86 33.77 35.74
CA GLY B 12 6.40 34.98 35.09
C GLY B 12 5.82 34.77 33.70
N ASN B 13 5.65 35.89 33.01
CA ASN B 13 5.07 35.94 31.67
C ASN B 13 6.15 35.87 30.59
N TYR B 14 5.94 34.99 29.62
CA TYR B 14 6.89 34.75 28.53
C TYR B 14 6.18 34.75 27.19
N ASN B 15 6.88 35.11 26.12
CA ASN B 15 6.45 34.69 24.78
C ASN B 15 7.10 33.33 24.52
N ILE B 16 6.48 32.50 23.69
CA ILE B 16 7.09 31.22 23.32
C ILE B 16 7.25 31.09 21.81
N LYS B 17 8.49 30.78 21.41
CA LYS B 17 8.89 30.77 20.02
C LYS B 17 9.61 29.48 19.69
N SER B 18 9.51 29.08 18.43
CA SER B 18 10.28 28.00 17.86
C SER B 18 11.61 28.56 17.38
N ILE B 19 12.69 27.80 17.51
CA ILE B 19 13.97 28.26 16.97
C ILE B 19 13.95 28.46 15.44
N PHE B 20 12.91 27.94 14.77
CA PHE B 20 12.80 28.13 13.32
C PHE B 20 12.44 29.55 12.92
N SER B 21 11.90 30.31 13.88
CA SER B 21 11.40 31.67 13.59
C SER B 21 11.38 32.61 14.78
N GLY B 22 11.98 33.78 14.61
CA GLY B 22 11.98 34.78 15.65
C GLY B 22 10.79 35.73 15.55
N SER B 23 9.89 35.49 14.60
CA SER B 23 8.78 36.39 14.37
C SER B 23 7.43 35.67 14.48
N LEU B 24 7.43 34.45 15.00
CA LEU B 24 6.18 33.72 15.17
C LEU B 24 6.00 33.31 16.63
N TYR B 25 4.78 33.48 17.13
CA TYR B 25 4.50 33.38 18.55
C TYR B 25 3.39 32.38 18.85
N LEU B 26 3.64 31.55 19.87
CA LEU B 26 2.69 30.53 20.30
C LEU B 26 1.38 31.15 20.76
N ASN B 27 0.29 30.70 20.15
CA ASN B 27 -1.05 31.04 20.63
C ASN B 27 -2.07 29.95 20.29
N PRO B 28 -3.19 29.90 21.06
CA PRO B 28 -4.25 28.95 20.69
C PRO B 28 -4.97 29.41 19.43
N VAL B 29 -5.33 28.46 18.57
CA VAL B 29 -6.17 28.71 17.40
C VAL B 29 -7.16 27.56 17.34
N SER B 30 -8.44 27.87 17.58
CA SER B 30 -9.44 26.85 17.88
C SER B 30 -8.93 26.01 19.05
N LYS B 31 -8.90 24.68 18.92
CA LYS B 31 -8.38 23.86 20.02
C LYS B 31 -6.91 23.49 19.85
N SER B 32 -6.25 24.05 18.84
CA SER B 32 -4.83 23.74 18.63
C SER B 32 -3.92 24.84 19.14
N LEU B 33 -2.62 24.55 19.20
CA LEU B 33 -1.61 25.54 19.49
C LEU B 33 -0.75 25.71 18.24
N THR B 34 -0.48 26.96 17.89
CA THR B 34 0.29 27.24 16.69
C THR B 34 1.12 28.50 16.89
N PHE B 35 2.08 28.74 16.01
CA PHE B 35 2.93 29.92 16.09
C PHE B 35 2.49 30.88 15.01
N SER B 36 2.14 32.10 15.42
CA SER B 36 1.52 33.08 14.51
C SER B 36 2.22 34.44 14.53
N ASN B 37 1.81 35.33 13.63
CA ASN B 37 2.35 36.69 13.63
C ASN B 37 2.12 37.36 14.98
N GLU B 38 3.05 38.25 15.33
CA GLU B 38 2.98 39.00 16.57
C GLU B 38 1.64 39.75 16.65
N SER B 39 0.94 39.60 17.77
CA SER B 39 -0.36 40.23 17.95
C SER B 39 -0.31 41.30 19.03
N SER B 40 0.68 41.20 19.92
CA SER B 40 0.78 42.05 21.12
C SER B 40 -0.40 41.84 22.07
N ALA B 41 -1.16 40.77 21.85
CA ALA B 41 -2.32 40.45 22.68
C ALA B 41 -1.95 39.49 23.81
N ASN B 42 -2.85 39.36 24.78
CA ASN B 42 -2.67 38.44 25.90
C ASN B 42 -2.56 36.97 25.50
N ASN B 43 -3.18 36.60 24.37
CA ASN B 43 -3.16 35.19 23.95
C ASN B 43 -1.79 34.72 23.47
N GLN B 44 -0.84 35.64 23.33
CA GLN B 44 0.55 35.23 23.04
C GLN B 44 1.42 35.30 24.30
N LYS B 45 0.80 35.55 25.45
CA LYS B 45 1.54 35.65 26.70
C LYS B 45 1.27 34.41 27.57
N TRP B 46 2.34 33.83 28.13
CA TRP B 46 2.25 32.58 28.88
C TRP B 46 2.84 32.72 30.27
N ASN B 47 2.06 32.36 31.29
CA ASN B 47 2.48 32.51 32.68
C ASN B 47 3.14 31.24 33.17
N VAL B 48 4.46 31.28 33.37
CA VAL B 48 5.18 30.07 33.76
C VAL B 48 5.30 30.02 35.28
N GLU B 49 4.85 28.92 35.89
CA GLU B 49 4.89 28.80 37.36
C GLU B 49 5.59 27.52 37.77
N TYR B 50 6.63 27.65 38.58
CA TYR B 50 7.34 26.47 39.08
C TYR B 50 6.52 25.76 40.15
N MET B 51 6.49 24.44 40.08
CA MET B 51 5.80 23.66 41.11
C MET B 51 6.81 22.90 41.95
N ALA B 52 7.00 23.34 43.20
CA ALA B 52 8.05 22.78 44.05
C ALA B 52 7.93 21.27 44.31
N GLU B 53 6.69 20.79 44.50
CA GLU B 53 6.51 19.39 44.93
C GLU B 53 7.05 18.39 43.90
N ASN B 54 6.85 18.68 42.62
CA ASN B 54 7.24 17.77 41.54
C ASN B 54 8.36 18.30 40.65
N ARG B 55 8.84 19.51 40.98
CA ARG B 55 9.95 20.15 40.24
C ARG B 55 9.65 20.39 38.76
N CYS B 56 8.38 20.62 38.47
CA CYS B 56 7.96 20.92 37.11
C CYS B 56 7.31 22.29 37.00
N PHE B 57 6.86 22.61 35.78
CA PHE B 57 6.31 23.92 35.49
C PHE B 57 4.93 23.74 34.92
N LYS B 58 4.00 24.56 35.39
CA LYS B 58 2.73 24.70 34.70
C LYS B 58 2.71 26.05 33.99
N ILE B 59 2.07 26.09 32.82
CA ILE B 59 2.16 27.21 31.90
C ILE B 59 0.76 27.56 31.40
N SER B 60 0.21 28.66 31.89
CA SER B 60 -1.15 29.06 31.58
C SER B 60 -1.16 30.22 30.59
N ASN B 61 -2.23 30.32 29.81
CA ASN B 61 -2.39 31.41 28.86
C ASN B 61 -2.91 32.64 29.61
N VAL B 62 -2.21 33.77 29.50
CA VAL B 62 -2.65 35.00 30.18
C VAL B 62 -4.09 35.40 29.80
N ALA B 63 -4.50 35.14 28.57
CA ALA B 63 -5.83 35.54 28.13
C ALA B 63 -6.91 34.64 28.76
N GLU B 64 -6.51 33.42 29.08
CA GLU B 64 -7.40 32.44 29.69
C GLU B 64 -6.63 31.79 30.82
N PRO B 65 -6.55 32.48 31.97
CA PRO B 65 -5.59 32.10 33.02
C PRO B 65 -5.95 30.81 33.74
N ASN B 66 -7.16 30.29 33.54
CA ASN B 66 -7.49 28.99 34.14
C ASN B 66 -7.28 27.81 33.17
N LYS B 67 -6.67 28.10 32.03
CA LYS B 67 -6.34 27.08 31.04
C LYS B 67 -4.81 26.90 30.92
N TYR B 68 -4.35 25.66 30.93
CA TYR B 68 -2.92 25.37 30.88
C TYR B 68 -2.52 24.57 29.64
N LEU B 69 -1.25 24.68 29.25
CA LEU B 69 -0.73 23.79 28.21
C LEU B 69 -0.74 22.36 28.72
N SER B 70 -1.35 21.51 27.92
CA SER B 70 -1.61 20.12 28.27
C SER B 70 -1.45 19.31 26.99
N TYR B 71 -1.91 18.06 26.95
CA TYR B 71 -1.93 17.33 25.69
C TYR B 71 -3.15 16.40 25.61
N ASP B 72 -3.60 16.11 24.39
CA ASP B 72 -4.83 15.32 24.25
C ASP B 72 -4.50 13.86 23.93
N ASN B 73 -5.52 13.05 23.67
CA ASN B 73 -5.29 11.64 23.33
C ASN B 73 -4.98 11.40 21.86
N PHE B 74 -4.61 12.46 21.14
CA PHE B 74 -4.47 12.41 19.68
C PHE B 74 -3.10 12.89 19.23
N GLY B 75 -2.27 13.22 20.22
CA GLY B 75 -0.92 13.67 19.95
C GLY B 75 -0.73 15.16 19.85
N PHE B 76 -1.79 15.96 20.07
CA PHE B 76 -1.70 17.41 20.03
C PHE B 76 -1.45 18.01 21.41
N ILE B 77 -0.68 19.09 21.48
CA ILE B 77 -0.71 19.96 22.66
C ILE B 77 -2.09 20.65 22.69
N SER B 78 -2.60 20.88 23.90
CA SER B 78 -3.89 21.51 24.06
C SER B 78 -3.87 22.54 25.18
N LEU B 79 -4.97 23.25 25.32
CA LEU B 79 -5.14 24.23 26.39
C LEU B 79 -6.28 23.71 27.25
N ASP B 80 -5.98 23.14 28.42
CA ASP B 80 -7.05 22.54 29.22
C ASP B 80 -7.02 22.95 30.67
N SER B 81 -8.01 22.53 31.45
CA SER B 81 -7.95 22.77 32.88
C SER B 81 -6.86 21.90 33.51
N LEU B 82 -6.50 22.23 34.75
CA LEU B 82 -5.37 21.59 35.41
C LEU B 82 -5.54 20.08 35.58
N SER B 83 -4.44 19.36 35.33
CA SER B 83 -4.37 17.92 35.47
C SER B 83 -2.88 17.57 35.44
N ASN B 84 -2.52 16.31 35.69
CA ASN B 84 -1.10 15.93 35.62
C ASN B 84 -0.48 16.04 34.22
N ARG B 85 -1.35 16.19 33.22
CA ARG B 85 -0.88 16.45 31.86
C ARG B 85 -0.34 17.86 31.65
N CYS B 86 -0.52 18.74 32.65
CA CYS B 86 -0.11 20.14 32.55
C CYS B 86 1.29 20.45 33.11
N TYR B 87 2.00 19.40 33.53
CA TYR B 87 3.30 19.55 34.19
C TYR B 87 4.42 19.34 33.15
N TRP B 88 5.26 20.36 32.98
CA TRP B 88 6.30 20.25 31.97
C TRP B 88 7.69 20.25 32.60
N PHE B 89 8.58 19.46 32.03
CA PHE B 89 9.94 19.30 32.56
C PHE B 89 10.92 19.80 31.49
N PRO B 90 11.43 21.01 31.68
CA PRO B 90 12.23 21.63 30.61
C PRO B 90 13.67 21.22 30.73
N ILE B 91 14.35 21.20 29.59
CA ILE B 91 15.76 21.00 29.55
C ILE B 91 16.34 22.19 28.83
N LYS B 92 17.07 23.00 29.57
CA LYS B 92 17.68 24.21 29.03
C LYS B 92 18.95 23.83 28.28
N ILE B 93 19.00 24.20 27.00
CA ILE B 93 20.12 23.78 26.14
C ILE B 93 20.91 24.94 25.58
N ALA B 94 20.43 26.14 25.83
CA ALA B 94 21.07 27.37 25.43
C ALA B 94 20.41 28.53 26.15
N VAL B 95 20.79 29.75 25.84
CA VAL B 95 20.41 30.92 26.64
C VAL B 95 18.99 30.91 27.17
N ASN B 96 18.05 30.93 26.26
CA ASN B 96 16.68 30.70 26.67
C ASN B 96 16.02 29.83 25.66
N THR B 97 16.74 28.77 25.36
CA THR B 97 16.29 27.68 24.52
C THR B 97 16.06 26.43 25.36
N TYR B 98 14.92 25.79 25.13
CA TYR B 98 14.49 24.66 25.94
C TYR B 98 13.87 23.54 25.11
N ILE B 99 14.04 22.33 25.62
CA ILE B 99 13.22 21.22 25.20
C ILE B 99 12.22 21.01 26.32
N MET B 100 10.96 20.82 25.96
CA MET B 100 9.90 20.71 26.97
C MET B 100 9.36 19.30 27.03
N LEU B 101 9.77 18.56 28.05
CA LEU B 101 9.28 17.20 28.17
C LEU B 101 7.98 17.23 28.95
N SER B 102 7.06 16.33 28.63
CA SER B 102 6.01 16.00 29.57
C SER B 102 6.63 15.44 30.87
N LEU B 103 6.08 15.82 32.03
CA LEU B 103 6.54 15.22 33.30
C LEU B 103 6.38 13.69 33.27
N ASN B 104 5.18 13.21 32.91
CA ASN B 104 4.89 11.78 32.78
C ASN B 104 5.64 11.15 31.60
N LYS B 105 6.21 9.95 31.80
CA LYS B 105 6.60 9.14 30.63
C LYS B 105 5.31 8.86 29.84
N VAL B 106 5.40 8.89 28.52
CA VAL B 106 4.23 8.58 27.70
C VAL B 106 4.60 7.42 26.82
N ASN B 107 3.81 6.35 26.86
CA ASN B 107 4.15 5.13 26.12
C ASN B 107 5.56 4.70 26.51
N GLU B 108 5.82 4.83 27.82
CA GLU B 108 7.12 4.59 28.49
C GLU B 108 8.36 5.21 27.82
N LEU B 109 8.17 6.39 27.24
CA LEU B 109 9.25 7.20 26.68
C LEU B 109 9.16 8.62 27.21
N ASP B 110 10.21 9.40 27.05
CA ASP B 110 10.09 10.83 27.15
C ASP B 110 9.34 11.33 25.90
N TYR B 111 8.37 12.22 26.12
CA TYR B 111 7.66 12.90 25.02
C TYR B 111 7.83 14.41 25.19
N ALA B 112 7.89 15.13 24.07
CA ALA B 112 8.25 16.53 24.11
C ALA B 112 7.41 17.35 23.12
N TRP B 113 7.28 18.64 23.38
CA TRP B 113 6.69 19.53 22.37
C TRP B 113 7.48 19.35 21.07
N ASP B 114 6.78 19.31 19.94
CA ASP B 114 7.43 19.10 18.67
C ASP B 114 6.65 19.86 17.61
N ILE B 115 7.35 20.68 16.83
CA ILE B 115 6.69 21.44 15.77
C ILE B 115 7.32 21.03 14.45
N TYR B 116 6.50 20.56 13.52
CA TYR B 116 6.99 20.09 12.22
C TYR B 116 7.37 21.29 11.36
N ASP B 117 8.43 21.16 10.58
CA ASP B 117 8.86 22.22 9.69
C ASP B 117 9.00 21.68 8.27
N THR B 118 8.68 22.54 7.29
CA THR B 118 8.98 22.24 5.90
C THR B 118 10.03 23.25 5.44
N ASN B 119 11.28 22.81 5.35
CA ASN B 119 12.40 23.71 5.10
C ASN B 119 12.37 24.91 6.06
N GLU B 120 12.18 24.63 7.34
CA GLU B 120 12.20 25.61 8.42
C GLU B 120 10.97 26.52 8.50
N ASN B 121 9.98 26.20 7.68
CA ASN B 121 8.70 26.92 7.70
C ASN B 121 7.72 26.18 8.59
N ILE B 122 7.24 26.83 9.65
CA ILE B 122 6.26 26.22 10.56
C ILE B 122 4.85 26.83 10.47
N LEU B 123 4.59 27.73 9.53
CA LEU B 123 3.26 28.39 9.42
C LEU B 123 2.13 27.35 9.41
N SER B 124 1.13 27.57 10.27
CA SER B 124 -0.09 26.76 10.33
C SER B 124 0.11 25.34 10.87
N GLN B 125 1.31 25.00 11.33
CA GLN B 125 1.52 23.69 11.95
C GLN B 125 1.00 23.71 13.39
N PRO B 126 0.36 22.61 13.81
CA PRO B 126 -0.03 22.54 15.22
C PRO B 126 1.15 22.00 16.04
N LEU B 127 1.26 22.44 17.28
CA LEU B 127 2.28 21.93 18.16
C LEU B 127 1.84 20.55 18.65
N LEU B 128 2.71 19.54 18.48
CA LEU B 128 2.38 18.16 18.85
C LEU B 128 3.21 17.70 20.06
N LEU B 129 2.89 16.53 20.58
CA LEU B 129 3.70 15.92 21.65
C LEU B 129 4.29 14.64 21.07
N LEU B 130 5.60 14.58 20.88
CA LEU B 130 6.19 13.42 20.18
C LEU B 130 7.40 12.88 20.94
N PRO B 131 7.83 11.63 20.62
CA PRO B 131 8.94 11.09 21.42
C PRO B 131 10.20 11.95 21.41
N ASN B 132 10.90 11.96 22.54
CA ASN B 132 12.18 12.65 22.62
C ASN B 132 13.29 11.66 22.91
N PHE B 133 14.43 11.80 22.24
CA PHE B 133 15.55 10.88 22.45
C PHE B 133 16.83 11.59 22.90
N ASP B 134 16.93 12.89 22.65
CA ASP B 134 18.20 13.58 22.95
C ASP B 134 17.97 15.06 22.84
N ILE B 135 19.04 15.85 22.95
CA ILE B 135 18.85 17.30 22.93
C ILE B 135 19.14 17.96 21.59
N TYR B 136 19.12 17.22 20.49
CA TYR B 136 19.57 17.78 19.22
C TYR B 136 18.47 17.94 18.18
N ASN B 137 17.25 17.57 18.53
CA ASN B 137 16.11 17.65 17.60
C ASN B 137 15.62 19.11 17.56
N SER B 138 15.93 19.81 16.46
CA SER B 138 15.51 21.19 16.19
C SER B 138 14.00 21.43 16.28
N ASN B 139 13.22 20.43 15.92
CA ASN B 139 11.77 20.51 16.01
C ASN B 139 11.26 20.46 17.44
N GLN B 140 12.18 20.26 18.39
CA GLN B 140 11.80 20.16 19.80
C GLN B 140 12.39 21.29 20.63
N MET B 141 12.96 22.27 19.94
CA MET B 141 13.64 23.35 20.62
C MET B 141 12.80 24.61 20.61
N PHE B 142 12.64 25.22 21.79
CA PHE B 142 11.76 26.36 21.90
C PHE B 142 12.38 27.48 22.72
N LYS B 143 12.07 28.71 22.33
CA LYS B 143 12.57 29.87 23.04
C LYS B 143 11.50 30.38 23.99
N LEU B 144 11.91 30.60 25.23
CA LEU B 144 11.06 31.26 26.20
C LEU B 144 11.62 32.66 26.44
N GLU B 145 10.90 33.68 25.99
CA GLU B 145 11.37 35.04 26.10
C GLU B 145 10.51 35.80 27.09
N LYS B 146 11.14 36.21 28.19
CA LYS B 146 10.48 36.91 29.28
C LYS B 146 9.93 38.25 28.80
N ILE B 147 8.61 38.43 28.94
CA ILE B 147 7.90 39.65 28.53
C ILE B 147 6.40 39.50 28.82
N SER C 9 -1.74 3.41 -10.35
CA SER C 9 -2.60 2.26 -10.04
C SER C 9 -3.88 2.75 -9.39
N LEU C 10 -3.75 3.73 -8.49
CA LEU C 10 -4.91 4.36 -7.89
C LEU C 10 -5.19 5.69 -8.57
N ASN C 11 -4.22 6.22 -9.31
CA ASN C 11 -4.37 7.53 -9.92
C ASN C 11 -5.61 7.56 -10.79
N ASP C 12 -6.40 8.62 -10.62
CA ASP C 12 -7.60 8.86 -11.39
C ASP C 12 -8.76 7.92 -11.06
N LYS C 13 -8.53 6.98 -10.14
CA LYS C 13 -9.59 6.04 -9.75
C LYS C 13 -10.63 6.76 -8.91
N ILE C 14 -11.91 6.45 -9.17
CA ILE C 14 -13.00 6.97 -8.37
C ILE C 14 -13.38 5.92 -7.35
N VAL C 15 -13.35 6.29 -6.07
CA VAL C 15 -13.46 5.30 -5.01
C VAL C 15 -14.47 5.76 -3.97
N THR C 16 -14.93 4.83 -3.13
CA THR C 16 -15.52 5.19 -1.84
C THR C 16 -14.47 4.92 -0.77
N ILE C 17 -14.60 5.61 0.35
CA ILE C 17 -13.71 5.45 1.48
C ILE C 17 -14.57 5.20 2.70
N SER C 18 -14.43 4.03 3.32
CA SER C 18 -15.18 3.73 4.53
C SER C 18 -14.27 3.41 5.70
N CYS C 19 -14.86 3.30 6.90
CA CYS C 19 -14.12 3.16 8.14
C CYS C 19 -13.94 1.70 8.52
N LYS C 20 -12.69 1.32 8.80
CA LYS C 20 -12.44 0.00 9.36
C LYS C 20 -13.09 -0.10 10.74
N ALA C 21 -13.17 1.01 11.46
CA ALA C 21 -13.80 0.95 12.80
C ALA C 21 -15.33 0.81 12.70
N ASP C 22 -15.89 1.12 11.54
CA ASP C 22 -17.33 0.95 11.25
C ASP C 22 -17.55 0.94 9.74
N THR C 23 -17.62 -0.25 9.15
CA THR C 23 -17.65 -0.40 7.70
C THR C 23 -18.94 0.07 7.06
N ASN C 24 -19.90 0.46 7.89
CA ASN C 24 -21.12 1.07 7.37
C ASN C 24 -21.03 2.59 7.25
N LEU C 25 -19.91 3.17 7.66
CA LEU C 25 -19.75 4.62 7.54
C LEU C 25 -18.74 4.99 6.44
N PHE C 26 -19.18 5.90 5.56
CA PHE C 26 -18.42 6.32 4.38
C PHE C 26 -18.10 7.83 4.44
N PHE C 27 -16.99 8.27 3.83
CA PHE C 27 -16.71 9.70 3.68
C PHE C 27 -17.81 10.31 2.80
N TYR C 28 -18.48 11.35 3.32
CA TYR C 28 -19.64 11.95 2.67
C TYR C 28 -19.44 13.46 2.61
N GLN C 29 -19.78 14.06 1.48
CA GLN C 29 -19.47 15.46 1.20
C GLN C 29 -20.74 16.17 0.77
N VAL C 30 -21.04 17.31 1.39
CA VAL C 30 -22.08 18.22 0.90
C VAL C 30 -21.64 19.63 1.23
N ALA C 31 -21.54 20.49 0.21
CA ALA C 31 -21.29 21.93 0.41
C ALA C 31 -20.08 22.26 1.30
N GLY C 32 -18.98 21.53 1.13
CA GLY C 32 -17.75 21.90 1.80
C GLY C 32 -17.60 21.20 3.14
N ASN C 33 -18.65 20.48 3.51
CA ASN C 33 -18.68 19.78 4.78
C ASN C 33 -18.46 18.27 4.58
N VAL C 34 -17.51 17.71 5.33
CA VAL C 34 -17.21 16.30 5.24
C VAL C 34 -17.68 15.61 6.50
N SER C 35 -18.44 14.53 6.33
CA SER C 35 -18.91 13.76 7.48
C SER C 35 -18.84 12.27 7.17
N LEU C 36 -19.24 11.46 8.13
CA LEU C 36 -19.26 10.01 7.96
C LEU C 36 -20.73 9.58 7.95
N PHE C 37 -21.17 8.88 6.91
CA PHE C 37 -22.60 8.64 6.69
C PHE C 37 -22.80 7.22 6.12
N GLN C 38 -23.99 6.66 6.30
CA GLN C 38 -24.30 5.35 5.75
C GLN C 38 -24.16 5.33 4.22
N GLN C 39 -24.22 4.15 3.63
CA GLN C 39 -23.92 3.98 2.20
C GLN C 39 -25.02 4.62 1.36
N THR C 40 -24.64 5.48 0.41
CA THR C 40 -25.62 6.15 -0.48
C THR C 40 -25.60 5.65 -1.93
N ARG C 41 -24.51 5.00 -2.32
CA ARG C 41 -24.32 4.54 -3.69
C ARG C 41 -24.56 5.66 -4.69
N ASN C 42 -24.03 6.84 -4.39
CA ASN C 42 -24.12 7.97 -5.32
C ASN C 42 -22.88 8.84 -5.18
N TYR C 43 -22.84 9.95 -5.91
CA TYR C 43 -21.63 10.77 -6.00
C TYR C 43 -21.25 11.47 -4.68
N LEU C 44 -22.18 11.51 -3.73
CA LEU C 44 -21.89 12.20 -2.47
C LEU C 44 -20.80 11.47 -1.70
N GLU C 45 -20.63 10.18 -2.00
CA GLU C 45 -19.62 9.36 -1.33
C GLU C 45 -18.55 8.87 -2.29
N ARG C 46 -18.44 9.54 -3.44
CA ARG C 46 -17.41 9.17 -4.41
C ARG C 46 -16.29 10.21 -4.49
N TRP C 47 -15.06 9.73 -4.62
CA TRP C 47 -13.91 10.60 -4.60
C TRP C 47 -12.94 10.15 -5.67
N ARG C 48 -12.37 11.10 -6.40
CA ARG C 48 -11.32 10.77 -7.33
C ARG C 48 -9.96 10.98 -6.67
N LEU C 49 -9.11 9.95 -6.75
CA LEU C 49 -7.75 10.00 -6.21
C LEU C 49 -6.85 10.59 -7.28
N ILE C 50 -6.26 11.73 -6.99
CA ILE C 50 -5.46 12.40 -8.01
C ILE C 50 -4.00 12.43 -7.57
N TYR C 51 -3.17 11.66 -8.27
CA TYR C 51 -1.77 11.45 -7.86
C TYR C 51 -0.87 12.57 -8.37
N ASP C 52 0.02 13.04 -7.49
CA ASP C 52 1.10 13.93 -7.86
C ASP C 52 2.39 13.11 -7.66
N SER C 53 3.08 12.78 -8.76
CA SER C 53 4.21 11.86 -8.69
C SER C 53 5.45 12.45 -7.98
N ASN C 54 5.60 13.76 -8.00
CA ASN C 54 6.75 14.38 -7.34
C ASN C 54 6.58 14.47 -5.83
N LYS C 55 5.33 14.61 -5.38
CA LYS C 55 5.04 14.58 -3.96
C LYS C 55 4.82 13.16 -3.43
N ALA C 56 4.63 12.19 -4.33
CA ALA C 56 4.21 10.85 -3.92
C ALA C 56 3.00 10.89 -2.98
N ALA C 57 2.02 11.74 -3.32
CA ALA C 57 0.86 11.94 -2.49
C ALA C 57 -0.36 12.24 -3.39
N TYR C 58 -1.56 12.24 -2.80
CA TYR C 58 -2.81 12.30 -3.55
C TYR C 58 -3.70 13.42 -3.08
N LYS C 59 -4.40 14.04 -4.05
CA LYS C 59 -5.57 14.84 -3.74
C LYS C 59 -6.77 13.91 -3.74
N ILE C 60 -7.71 14.19 -2.84
CA ILE C 60 -8.88 13.37 -2.72
C ILE C 60 -10.06 14.27 -3.06
N LYS C 61 -10.57 14.10 -4.27
CA LYS C 61 -11.49 15.08 -4.85
C LYS C 61 -12.93 14.59 -4.94
N SER C 62 -13.85 15.36 -4.36
CA SER C 62 -15.27 15.00 -4.39
C SER C 62 -15.83 14.94 -5.81
N MET C 63 -16.61 13.89 -6.10
CA MET C 63 -17.31 13.76 -7.38
C MET C 63 -18.64 14.49 -7.37
N ASP C 64 -18.79 15.44 -6.45
CA ASP C 64 -20.01 16.25 -6.38
C ASP C 64 -20.26 16.92 -7.73
N ILE C 65 -21.46 16.70 -8.29
CA ILE C 65 -21.81 17.18 -9.63
C ILE C 65 -22.14 18.68 -9.71
N HIS C 66 -22.28 19.32 -8.56
CA HIS C 66 -22.59 20.75 -8.51
C HIS C 66 -21.34 21.60 -8.29
N ASN C 67 -20.56 21.26 -7.25
CA ASN C 67 -19.26 21.88 -7.08
C ASN C 67 -18.18 20.85 -7.37
N THR C 68 -17.56 21.00 -8.54
CA THR C 68 -16.71 19.96 -9.11
C THR C 68 -15.23 20.09 -8.72
N ASN C 69 -14.89 21.14 -7.97
CA ASN C 69 -13.49 21.37 -7.62
C ASN C 69 -13.14 21.28 -6.11
N LEU C 70 -13.89 20.49 -5.36
CA LEU C 70 -13.69 20.40 -3.90
C LEU C 70 -12.78 19.21 -3.57
N VAL C 71 -11.76 19.45 -2.75
CA VAL C 71 -10.86 18.39 -2.32
C VAL C 71 -10.76 18.31 -0.80
N LEU C 72 -10.58 17.09 -0.30
CA LEU C 72 -10.38 16.86 1.12
C LEU C 72 -9.20 17.70 1.62
N THR C 73 -9.49 18.55 2.60
CA THR C 73 -8.55 19.55 3.09
C THR C 73 -8.43 19.47 4.61
N TRP C 74 -7.19 19.49 5.09
CA TRP C 74 -6.91 19.66 6.52
C TRP C 74 -6.84 21.14 6.81
N ASN C 75 -7.70 21.61 7.69
CA ASN C 75 -7.70 23.02 8.06
C ASN C 75 -6.64 23.30 9.15
N ALA C 76 -5.37 23.06 8.81
CA ALA C 76 -4.25 23.30 9.73
C ALA C 76 -4.29 24.75 10.25
N PRO C 77 -4.02 24.97 11.55
CA PRO C 77 -3.52 23.98 12.52
C PRO C 77 -4.62 23.28 13.30
N THR C 78 -5.88 23.48 12.95
CA THR C 78 -6.98 22.94 13.74
C THR C 78 -7.13 21.42 13.58
N HIS C 79 -7.99 20.81 14.39
CA HIS C 79 -8.29 19.40 14.23
C HIS C 79 -9.31 19.10 13.11
N ASN C 80 -9.71 20.12 12.34
CA ASN C 80 -10.82 19.92 11.42
C ASN C 80 -10.46 19.60 9.98
N ILE C 81 -11.28 18.74 9.39
CA ILE C 81 -11.14 18.29 8.02
C ILE C 81 -12.40 18.74 7.29
N SER C 82 -12.23 19.33 6.12
CA SER C 82 -13.38 19.76 5.32
C SER C 82 -13.04 19.60 3.86
N THR C 83 -13.96 19.99 2.99
CA THR C 83 -13.64 20.11 1.58
C THR C 83 -13.58 21.59 1.18
N GLN C 84 -12.50 21.98 0.53
CA GLN C 84 -12.29 23.36 0.09
C GLN C 84 -11.94 23.31 -1.39
N GLN C 85 -12.06 24.44 -2.07
CA GLN C 85 -11.57 24.60 -3.44
C GLN C 85 -10.13 24.11 -3.58
N ASP C 86 -9.87 23.37 -4.65
CA ASP C 86 -8.53 22.87 -4.95
C ASP C 86 -7.60 24.03 -5.28
N SER C 87 -6.60 24.24 -4.44
CA SER C 87 -5.59 25.26 -4.73
C SER C 87 -4.22 24.59 -4.76
N ASN C 88 -4.24 23.26 -4.89
CA ASN C 88 -3.02 22.46 -4.95
C ASN C 88 -2.12 22.68 -3.74
N ALA C 89 -2.72 22.89 -2.58
CA ALA C 89 -1.96 23.24 -1.40
C ALA C 89 -1.54 22.00 -0.63
N ASP C 90 -0.44 22.10 0.10
CA ASP C 90 0.08 20.99 0.87
C ASP C 90 -0.98 20.37 1.78
N ASN C 91 -1.87 21.20 2.33
CA ASN C 91 -2.90 20.67 3.23
C ASN C 91 -4.02 19.97 2.45
N GLN C 92 -3.85 19.82 1.14
CA GLN C 92 -4.82 19.12 0.30
C GLN C 92 -4.21 17.86 -0.32
N TYR C 93 -3.04 17.47 0.16
CA TYR C 93 -2.40 16.25 -0.31
C TYR C 93 -2.26 15.25 0.84
N TRP C 94 -2.38 13.97 0.49
CA TRP C 94 -2.48 12.88 1.45
C TRP C 94 -1.58 11.72 1.00
N LEU C 95 -0.87 11.09 1.94
CA LEU C 95 -0.14 9.89 1.60
C LEU C 95 -1.11 8.74 1.85
N LEU C 96 -1.26 7.88 0.86
CA LEU C 96 -2.11 6.70 0.99
C LEU C 96 -1.19 5.53 1.30
N LEU C 97 -1.19 5.14 2.58
CA LEU C 97 -0.32 4.08 3.04
C LEU C 97 -1.13 2.83 3.25
N LYS C 98 -0.88 1.82 2.43
CA LYS C 98 -1.64 0.59 2.57
C LYS C 98 -0.95 -0.33 3.58
N ASP C 99 -1.70 -0.63 4.64
CA ASP C 99 -1.28 -1.56 5.70
C ASP C 99 -1.43 -2.99 5.20
N ILE C 100 -0.32 -3.55 4.74
CA ILE C 100 -0.34 -4.89 4.13
C ILE C 100 -0.70 -5.97 5.14
N GLY C 101 -1.48 -6.94 4.69
CA GLY C 101 -1.99 -7.98 5.58
C GLY C 101 -3.31 -7.56 6.21
N ASN C 102 -3.54 -6.26 6.32
CA ASN C 102 -4.74 -5.74 6.94
C ASN C 102 -5.74 -5.28 5.90
N ASN C 103 -5.24 -5.06 4.69
CA ASN C 103 -6.05 -4.56 3.59
C ASN C 103 -6.82 -3.30 3.95
N SER C 104 -6.14 -2.38 4.63
CA SER C 104 -6.73 -1.11 4.99
C SER C 104 -5.66 -0.06 4.79
N PHE C 105 -6.09 1.20 4.80
CA PHE C 105 -5.21 2.30 4.51
C PHE C 105 -5.11 3.24 5.69
N ILE C 106 -3.91 3.78 5.85
CA ILE C 106 -3.75 4.95 6.68
C ILE C 106 -3.59 6.13 5.74
N ILE C 107 -4.20 7.24 6.11
CA ILE C 107 -4.23 8.41 5.24
C ILE C 107 -3.58 9.59 5.95
N ALA C 108 -2.32 9.85 5.61
CA ALA C 108 -1.48 10.78 6.35
C ALA C 108 -1.41 12.12 5.63
N SER C 109 -1.43 13.22 6.39
CA SER C 109 -1.33 14.52 5.75
C SER C 109 0.02 14.74 5.14
N TYR C 110 0.05 15.16 3.89
CA TYR C 110 1.30 15.56 3.26
C TYR C 110 1.94 16.76 3.97
N LYS C 111 1.10 17.66 4.48
CA LYS C 111 1.63 18.86 5.12
C LYS C 111 2.33 18.53 6.46
N ASN C 112 1.86 17.48 7.11
CA ASN C 112 2.46 17.00 8.38
C ASN C 112 2.16 15.52 8.49
N PRO C 113 3.09 14.69 7.98
CA PRO C 113 2.93 13.23 7.90
C PRO C 113 2.88 12.52 9.26
N ASN C 114 3.22 13.22 10.35
CA ASN C 114 2.91 12.69 11.69
C ASN C 114 1.41 12.58 11.99
N LEU C 115 0.60 13.28 11.21
CA LEU C 115 -0.83 13.30 11.49
C LEU C 115 -1.62 12.57 10.40
N VAL C 116 -2.55 11.73 10.83
CA VAL C 116 -3.35 10.95 9.89
C VAL C 116 -4.83 11.10 10.21
N LEU C 117 -5.68 10.81 9.22
CA LEU C 117 -7.12 10.88 9.41
C LEU C 117 -7.54 9.91 10.51
N TYR C 118 -8.47 10.37 11.34
CA TYR C 118 -9.02 9.61 12.44
C TYR C 118 -10.54 9.71 12.31
N ALA C 119 -11.22 8.57 12.31
CA ALA C 119 -12.66 8.56 12.15
C ALA C 119 -13.32 8.75 13.52
N ASP C 120 -13.95 9.90 13.74
CA ASP C 120 -14.71 10.07 14.98
C ASP C 120 -16.11 9.54 14.70
N THR C 121 -16.34 8.27 15.01
CA THR C 121 -17.58 7.62 14.63
C THR C 121 -18.79 8.10 15.46
N VAL C 122 -18.53 8.62 16.66
CA VAL C 122 -19.60 9.15 17.50
C VAL C 122 -20.07 10.52 16.98
N ALA C 123 -19.10 11.38 16.64
CA ALA C 123 -19.40 12.70 16.07
C ALA C 123 -19.74 12.61 14.56
N ARG C 124 -19.50 11.44 13.98
CA ARG C 124 -19.69 11.20 12.56
C ARG C 124 -18.90 12.17 11.69
N ASN C 125 -17.67 12.46 12.07
CA ASN C 125 -16.81 13.29 11.21
C ASN C 125 -15.33 12.89 11.29
N LEU C 126 -14.47 13.64 10.60
CA LEU C 126 -13.04 13.34 10.55
C LEU C 126 -12.23 14.28 11.45
N LYS C 127 -11.16 13.73 12.03
CA LYS C 127 -10.28 14.44 12.95
C LYS C 127 -8.86 14.01 12.56
N LEU C 128 -7.88 14.33 13.40
CA LEU C 128 -6.52 13.89 13.12
C LEU C 128 -5.93 13.23 14.34
N SER C 129 -4.90 12.42 14.12
CA SER C 129 -4.24 11.75 15.23
C SER C 129 -2.83 11.46 14.79
N THR C 130 -1.94 11.36 15.75
CA THR C 130 -0.67 10.75 15.45
C THR C 130 -0.93 9.25 15.25
N LEU C 131 0.06 8.55 14.70
CA LEU C 131 -0.10 7.13 14.35
C LEU C 131 -0.21 6.27 15.59
N ASN C 132 -1.09 5.28 15.53
CA ASN C 132 -1.24 4.34 16.63
C ASN C 132 -1.79 3.09 16.00
N ASN C 133 -2.20 2.14 16.83
CA ASN C 133 -2.71 0.88 16.34
C ASN C 133 -4.26 0.75 16.30
N SER C 134 -4.99 1.83 16.49
CA SER C 134 -6.44 1.71 16.57
C SER C 134 -7.07 1.63 15.19
N ASN C 135 -8.25 1.05 15.13
CA ASN C 135 -8.96 0.95 13.86
C ASN C 135 -9.53 2.28 13.39
N TYR C 136 -9.49 3.29 14.26
CA TYR C 136 -10.07 4.58 13.90
C TYR C 136 -9.27 5.36 12.88
N ILE C 137 -8.02 4.93 12.67
CA ILE C 137 -7.19 5.56 11.64
C ILE C 137 -7.02 4.69 10.39
N LYS C 138 -7.75 3.59 10.34
CA LYS C 138 -7.67 2.72 9.18
C LYS C 138 -8.94 2.84 8.35
N PHE C 139 -8.76 2.81 7.03
CA PHE C 139 -9.85 3.04 6.08
C PHE C 139 -9.84 2.05 4.94
N ILE C 140 -11.03 1.80 4.40
CA ILE C 140 -11.19 0.88 3.28
C ILE C 140 -11.44 1.69 2.02
N ILE C 141 -10.49 1.63 1.09
CA ILE C 141 -10.60 2.40 -0.13
C ILE C 141 -10.93 1.43 -1.23
N GLU C 142 -12.06 1.67 -1.91
CA GLU C 142 -12.65 0.71 -2.85
C GLU C 142 -13.14 1.41 -4.12
N ASP C 143 -12.80 0.84 -5.27
CA ASP C 143 -13.42 1.24 -6.53
C ASP C 143 -14.94 1.39 -6.33
N TYR C 144 -15.52 2.52 -6.75
CA TYR C 144 -16.92 2.79 -6.36
C TYR C 144 -17.91 1.71 -6.86
N ILE C 145 -17.64 1.13 -8.03
CA ILE C 145 -18.52 0.10 -8.58
C ILE C 145 -18.57 -1.14 -7.66
N ILE C 146 -17.41 -1.63 -7.27
CA ILE C 146 -17.30 -2.74 -6.33
C ILE C 146 -18.02 -2.40 -5.02
N SER C 147 -17.72 -1.22 -4.49
CA SER C 147 -18.33 -0.71 -3.27
C SER C 147 -19.87 -0.74 -3.39
N ASP C 148 -20.39 -0.22 -4.50
CA ASP C 148 -21.86 -0.18 -4.66
C ASP C 148 -22.45 -1.59 -4.81
N LEU C 149 -21.82 -2.44 -5.62
CA LEU C 149 -22.44 -3.71 -5.96
C LEU C 149 -22.22 -4.86 -4.97
N ASN C 150 -21.11 -4.82 -4.24
CA ASN C 150 -20.76 -5.94 -3.34
C ASN C 150 -21.78 -6.07 -2.23
N ASN C 151 -22.37 -7.27 -2.10
CA ASN C 151 -23.46 -7.54 -1.15
C ASN C 151 -24.72 -6.72 -1.42
N PHE C 152 -24.83 -6.21 -2.63
CA PHE C 152 -26.05 -5.55 -3.06
C PHE C 152 -27.05 -6.61 -3.53
N THR C 153 -28.25 -6.58 -2.95
CA THR C 153 -29.33 -7.42 -3.43
C THR C 153 -30.16 -6.62 -4.43
N CYS C 154 -30.18 -7.07 -5.68
CA CYS C 154 -30.74 -6.25 -6.74
C CYS C 154 -31.78 -6.99 -7.56
N LYS C 155 -32.32 -6.28 -8.53
CA LYS C 155 -33.06 -6.92 -9.61
C LYS C 155 -32.37 -6.46 -10.88
N ILE C 156 -32.42 -7.30 -11.90
CA ILE C 156 -31.66 -7.05 -13.12
C ILE C 156 -32.62 -6.96 -14.29
N SER C 157 -32.65 -5.80 -14.96
CA SER C 157 -33.59 -5.59 -16.07
C SER C 157 -32.88 -5.31 -17.40
N PRO C 158 -33.39 -5.90 -18.49
CA PRO C 158 -32.94 -5.45 -19.81
C PRO C 158 -33.44 -4.02 -20.00
N ILE C 159 -32.68 -3.21 -20.74
CA ILE C 159 -33.13 -1.84 -21.00
C ILE C 159 -34.24 -1.80 -22.05
N LEU C 160 -34.52 -2.94 -22.66
CA LEU C 160 -35.59 -3.06 -23.65
C LEU C 160 -36.96 -3.36 -23.03
N ASP C 161 -36.98 -3.70 -21.74
CA ASP C 161 -38.20 -3.73 -20.94
C ASP C 161 -37.83 -3.67 -19.47
N LEU C 162 -37.93 -2.47 -18.90
CA LEU C 162 -37.57 -2.25 -17.51
C LEU C 162 -38.51 -2.96 -16.55
N ASN C 163 -39.73 -3.22 -17.00
CA ASN C 163 -40.70 -3.90 -16.15
C ASN C 163 -40.54 -5.42 -16.18
N LYS C 164 -39.55 -5.89 -16.94
CA LYS C 164 -39.17 -7.28 -16.88
C LYS C 164 -37.82 -7.44 -16.19
N VAL C 165 -37.39 -8.68 -16.01
CA VAL C 165 -36.40 -8.98 -15.01
C VAL C 165 -35.80 -10.36 -15.23
N VAL C 166 -34.51 -10.50 -14.96
CA VAL C 166 -33.87 -11.80 -15.04
C VAL C 166 -34.25 -12.64 -13.83
N GLN C 167 -34.87 -13.79 -14.05
CA GLN C 167 -35.25 -14.63 -12.92
C GLN C 167 -34.79 -16.08 -13.05
N GLN C 168 -34.66 -16.74 -11.91
CA GLN C 168 -34.65 -18.19 -11.88
C GLN C 168 -36.11 -18.61 -11.86
N VAL C 169 -36.43 -19.81 -12.36
CA VAL C 169 -37.82 -20.21 -12.51
C VAL C 169 -38.51 -20.59 -11.19
N ASP C 170 -37.92 -21.52 -10.44
CA ASP C 170 -38.38 -21.80 -9.08
C ASP C 170 -37.29 -22.48 -8.29
N VAL C 171 -37.59 -22.83 -7.04
CA VAL C 171 -36.57 -23.36 -6.14
C VAL C 171 -35.91 -24.65 -6.68
N THR C 172 -36.63 -25.40 -7.51
CA THR C 172 -36.09 -26.61 -8.13
C THR C 172 -35.68 -26.47 -9.61
N ASN C 173 -36.54 -25.84 -10.42
CA ASN C 173 -36.14 -25.53 -11.80
C ASN C 173 -35.07 -24.44 -11.77
N LEU C 174 -33.83 -24.85 -11.99
CA LEU C 174 -32.67 -23.96 -11.87
C LEU C 174 -32.33 -23.24 -13.20
N ASN C 175 -33.23 -23.36 -14.18
CA ASN C 175 -33.12 -22.58 -15.41
C ASN C 175 -33.35 -21.09 -15.19
N VAL C 176 -32.86 -20.28 -16.12
CA VAL C 176 -32.95 -18.82 -16.00
C VAL C 176 -33.67 -18.19 -17.20
N ASN C 177 -34.81 -17.56 -16.96
CA ASN C 177 -35.57 -16.89 -18.02
C ASN C 177 -35.95 -15.46 -17.69
N LEU C 178 -36.47 -14.76 -18.68
CA LEU C 178 -36.98 -13.41 -18.46
C LEU C 178 -38.43 -13.52 -18.04
N TYR C 179 -38.87 -12.66 -17.12
CA TYR C 179 -40.25 -12.66 -16.67
C TYR C 179 -40.59 -11.28 -16.08
N THR C 180 -41.87 -10.94 -16.08
CA THR C 180 -42.32 -9.67 -15.50
C THR C 180 -42.06 -9.62 -13.99
N TRP C 181 -41.66 -8.44 -13.51
CA TRP C 181 -41.36 -8.23 -12.09
C TRP C 181 -42.58 -8.50 -11.23
N ASP C 182 -42.43 -9.34 -10.22
CA ASP C 182 -43.49 -9.60 -9.24
C ASP C 182 -42.96 -9.66 -7.80
N TYR C 183 -41.74 -9.18 -7.61
CA TYR C 183 -41.09 -9.11 -6.28
C TYR C 183 -40.68 -10.49 -5.73
N GLY C 184 -40.85 -11.55 -6.52
CA GLY C 184 -40.47 -12.89 -6.08
C GLY C 184 -38.99 -12.99 -5.75
N ARG C 185 -38.63 -13.83 -4.79
CA ARG C 185 -37.22 -14.01 -4.43
C ARG C 185 -36.43 -14.61 -5.60
N ASN C 186 -37.09 -15.40 -6.42
CA ASN C 186 -36.47 -15.94 -7.62
C ASN C 186 -36.09 -14.85 -8.61
N GLN C 187 -36.60 -13.63 -8.39
CA GLN C 187 -36.29 -12.49 -9.25
C GLN C 187 -35.28 -11.52 -8.64
N LYS C 188 -34.66 -11.88 -7.52
CA LYS C 188 -33.62 -11.03 -6.93
C LYS C 188 -32.28 -11.75 -6.81
N TRP C 189 -31.21 -10.97 -6.91
CA TRP C 189 -29.84 -11.49 -6.93
C TRP C 189 -28.96 -10.72 -5.95
N THR C 190 -28.30 -11.44 -5.06
CA THR C 190 -27.31 -10.83 -4.18
C THR C 190 -25.94 -10.97 -4.82
N ILE C 191 -25.37 -9.83 -5.19
CA ILE C 191 -24.08 -9.79 -5.84
C ILE C 191 -22.98 -9.90 -4.80
N ARG C 192 -21.95 -10.70 -5.08
CA ARG C 192 -20.81 -10.85 -4.20
C ARG C 192 -19.53 -10.70 -5.03
N TYR C 193 -18.62 -9.85 -4.58
CA TYR C 193 -17.36 -9.67 -5.27
C TYR C 193 -16.31 -10.59 -4.67
N ASN C 194 -15.60 -11.31 -5.52
CA ASN C 194 -14.51 -12.17 -5.06
C ASN C 194 -13.18 -11.48 -5.35
N GLU C 195 -12.57 -10.95 -4.29
CA GLU C 195 -11.37 -10.13 -4.40
C GLU C 195 -10.26 -10.89 -5.09
N GLU C 196 -10.24 -12.20 -4.88
CA GLU C 196 -9.23 -13.06 -5.47
C GLU C 196 -9.33 -13.11 -6.98
N LYS C 197 -10.54 -13.40 -7.48
CA LYS C 197 -10.69 -13.62 -8.92
C LYS C 197 -10.97 -12.33 -9.66
N ALA C 198 -11.07 -11.24 -8.89
CA ALA C 198 -11.42 -9.93 -9.42
C ALA C 198 -12.67 -9.99 -10.30
N ALA C 199 -13.70 -10.65 -9.77
CA ALA C 199 -14.95 -10.81 -10.51
C ALA C 199 -16.10 -11.04 -9.54
N TYR C 200 -17.32 -11.02 -10.05
CA TYR C 200 -18.50 -11.12 -9.23
C TYR C 200 -19.26 -12.42 -9.45
N GLN C 201 -20.07 -12.81 -8.46
CA GLN C 201 -21.10 -13.84 -8.63
C GLN C 201 -22.48 -13.26 -8.32
N PHE C 202 -23.51 -13.82 -8.94
CA PHE C 202 -24.87 -13.42 -8.65
C PHE C 202 -25.57 -14.56 -7.90
N PHE C 203 -25.86 -14.34 -6.62
CA PHE C 203 -26.55 -15.34 -5.80
C PHE C 203 -28.05 -15.10 -5.89
N ASN C 204 -28.80 -16.10 -6.38
CA ASN C 204 -30.26 -15.97 -6.43
C ASN C 204 -30.83 -16.16 -5.02
N THR C 205 -31.76 -15.31 -4.62
CA THR C 205 -32.16 -15.28 -3.21
C THR C 205 -33.18 -16.36 -2.84
N ILE C 206 -33.62 -17.15 -3.82
CA ILE C 206 -34.47 -18.31 -3.54
C ILE C 206 -33.61 -19.55 -3.20
N LEU C 207 -32.33 -19.49 -3.53
CA LEU C 207 -31.36 -20.51 -3.07
C LEU C 207 -30.33 -19.98 -2.08
N SER C 208 -29.85 -20.89 -1.24
CA SER C 208 -28.79 -20.60 -0.29
C SER C 208 -27.46 -20.44 -0.99
N ASN C 209 -27.16 -21.33 -1.93
CA ASN C 209 -25.89 -21.29 -2.65
C ASN C 209 -26.01 -21.40 -4.16
N GLY C 210 -27.19 -21.10 -4.69
CA GLY C 210 -27.37 -21.05 -6.12
C GLY C 210 -26.79 -19.78 -6.71
N VAL C 211 -25.85 -19.91 -7.65
CA VAL C 211 -25.28 -18.74 -8.30
C VAL C 211 -25.51 -18.78 -9.81
N LEU C 212 -25.51 -17.62 -10.45
CA LEU C 212 -25.74 -17.56 -11.89
C LEU C 212 -24.52 -18.17 -12.58
N THR C 213 -24.75 -19.23 -13.33
CA THR C 213 -23.63 -19.97 -13.95
C THR C 213 -23.80 -20.17 -15.46
N TRP C 214 -22.82 -19.69 -16.22
CA TRP C 214 -22.75 -20.04 -17.64
C TRP C 214 -22.38 -21.51 -17.82
N ILE C 215 -23.33 -22.27 -18.34
CA ILE C 215 -23.12 -23.67 -18.63
C ILE C 215 -22.56 -23.81 -20.05
N PHE C 216 -21.24 -23.64 -20.16
CA PHE C 216 -20.59 -23.63 -21.47
C PHE C 216 -20.78 -24.95 -22.22
N SER C 217 -21.09 -25.99 -21.46
CA SER C 217 -21.31 -27.32 -22.00
C SER C 217 -22.37 -27.29 -23.10
N ASN C 218 -23.60 -26.92 -22.74
CA ASN C 218 -24.66 -26.72 -23.73
C ASN C 218 -24.49 -25.39 -24.47
N GLY C 219 -23.24 -25.11 -24.85
CA GLY C 219 -22.92 -23.94 -25.65
C GLY C 219 -23.14 -22.57 -25.02
N ASN C 220 -24.27 -21.98 -25.38
CA ASN C 220 -24.48 -20.55 -25.21
C ASN C 220 -25.49 -20.18 -24.13
N THR C 221 -25.70 -21.09 -23.18
CA THR C 221 -26.87 -20.99 -22.33
C THR C 221 -26.48 -20.71 -20.88
N VAL C 222 -27.46 -20.27 -20.09
CA VAL C 222 -27.20 -19.89 -18.70
C VAL C 222 -28.28 -20.44 -17.76
N ARG C 223 -27.84 -21.13 -16.71
CA ARG C 223 -28.70 -21.53 -15.61
C ARG C 223 -28.07 -21.00 -14.34
N VAL C 224 -28.71 -21.27 -13.23
CA VAL C 224 -28.07 -21.15 -11.97
C VAL C 224 -27.69 -22.54 -11.53
N SER C 225 -26.66 -22.65 -10.73
CA SER C 225 -26.31 -23.90 -10.12
C SER C 225 -25.55 -23.64 -8.86
N SER C 226 -25.28 -24.69 -8.12
CA SER C 226 -24.62 -24.61 -6.83
C SER C 226 -23.28 -23.92 -6.87
N SER C 227 -23.03 -23.12 -5.85
CA SER C 227 -21.80 -22.41 -5.71
C SER C 227 -20.80 -23.17 -4.90
N ASN C 228 -21.16 -24.38 -4.50
CA ASN C 228 -20.20 -25.26 -3.87
C ASN C 228 -19.59 -26.20 -4.88
N ASP C 229 -19.54 -25.71 -6.12
CA ASP C 229 -18.64 -26.12 -7.16
C ASP C 229 -17.66 -24.96 -7.19
N GLN C 230 -16.38 -25.24 -7.00
CA GLN C 230 -15.42 -24.25 -6.54
C GLN C 230 -14.57 -23.52 -7.57
N ASN C 231 -14.17 -24.22 -8.60
CA ASN C 231 -13.31 -23.63 -9.61
C ASN C 231 -13.97 -23.74 -10.95
N ASN C 232 -15.02 -22.95 -11.12
CA ASN C 232 -15.65 -22.78 -12.40
C ASN C 232 -15.70 -21.28 -12.67
N ASP C 233 -14.98 -20.82 -13.68
CA ASP C 233 -14.86 -19.41 -13.99
C ASP C 233 -15.97 -18.96 -14.94
N ALA C 234 -17.05 -19.74 -14.97
CA ALA C 234 -18.26 -19.31 -15.64
C ALA C 234 -19.35 -19.07 -14.60
N GLN C 235 -18.99 -19.31 -13.34
CA GLN C 235 -19.79 -18.94 -12.18
C GLN C 235 -19.42 -17.51 -11.79
N TYR C 236 -18.54 -16.89 -12.59
CA TYR C 236 -18.01 -15.56 -12.29
C TYR C 236 -18.20 -14.60 -13.47
N TRP C 237 -18.36 -13.32 -13.14
CA TRP C 237 -18.71 -12.32 -14.14
C TRP C 237 -18.00 -10.99 -13.92
N LEU C 238 -17.84 -10.22 -15.00
CA LEU C 238 -17.34 -8.86 -14.92
C LEU C 238 -18.46 -7.85 -15.19
N ILE C 239 -18.58 -6.85 -14.32
CA ILE C 239 -19.60 -5.82 -14.46
C ILE C 239 -18.98 -4.46 -14.80
N ASN C 240 -19.31 -3.93 -15.97
CA ASN C 240 -18.73 -2.69 -16.47
C ASN C 240 -19.80 -1.63 -16.73
N PRO C 241 -19.65 -0.45 -16.12
CA PRO C 241 -20.65 0.62 -16.25
C PRO C 241 -20.74 1.15 -17.68
N VAL C 242 -21.95 1.10 -18.24
CA VAL C 242 -22.21 1.73 -19.52
C VAL C 242 -21.98 3.22 -19.31
N SER C 243 -21.22 3.83 -20.22
CA SER C 243 -20.73 5.19 -20.03
C SER C 243 -21.83 6.24 -19.89
N ASP C 244 -21.66 7.13 -18.92
CA ASP C 244 -22.59 8.23 -18.66
C ASP C 244 -24.02 7.82 -18.35
N THR C 245 -24.14 6.73 -17.58
CA THR C 245 -25.43 6.33 -17.01
C THR C 245 -25.33 6.42 -15.49
N ASP C 246 -26.30 5.81 -14.80
CA ASP C 246 -26.28 5.75 -13.34
C ASP C 246 -26.45 4.32 -12.86
N GLU C 247 -27.21 3.55 -13.62
CA GLU C 247 -27.63 2.22 -13.18
C GLU C 247 -27.34 1.14 -14.21
N THR C 248 -26.76 1.55 -15.34
CA THR C 248 -26.66 0.66 -16.49
C THR C 248 -25.25 0.04 -16.65
N TYR C 249 -25.21 -1.27 -16.94
CA TYR C 249 -23.96 -2.01 -16.99
C TYR C 249 -23.93 -3.04 -18.11
N THR C 250 -22.72 -3.44 -18.50
CA THR C 250 -22.55 -4.63 -19.33
C THR C 250 -22.04 -5.74 -18.43
N ILE C 251 -22.52 -6.96 -18.64
CA ILE C 251 -22.10 -8.09 -17.82
C ILE C 251 -21.37 -9.14 -18.67
N THR C 252 -20.06 -9.26 -18.50
CA THR C 252 -19.26 -10.20 -19.28
C THR C 252 -18.74 -11.38 -18.44
N ASN C 253 -18.74 -12.58 -19.03
CA ASN C 253 -18.35 -13.78 -18.30
C ASN C 253 -16.84 -13.92 -18.13
N LEU C 254 -16.42 -14.47 -17.00
CA LEU C 254 -14.99 -14.55 -16.68
C LEU C 254 -14.21 -15.50 -17.61
N ARG C 255 -14.76 -16.69 -17.87
CA ARG C 255 -14.11 -17.70 -18.70
C ARG C 255 -13.87 -17.20 -20.12
N ASP C 256 -14.78 -16.36 -20.61
CA ASP C 256 -14.70 -15.84 -21.97
C ASP C 256 -15.25 -14.43 -21.98
N THR C 257 -14.36 -13.46 -21.82
CA THR C 257 -14.77 -12.06 -21.66
C THR C 257 -15.38 -11.41 -22.92
N THR C 258 -15.36 -12.14 -24.03
CA THR C 258 -16.07 -11.71 -25.24
C THR C 258 -17.54 -12.08 -25.15
N LYS C 259 -17.85 -12.97 -24.20
CA LYS C 259 -19.20 -13.50 -24.04
C LYS C 259 -19.99 -12.74 -22.97
N ALA C 260 -20.74 -11.75 -23.42
CA ALA C 260 -21.61 -10.96 -22.55
C ALA C 260 -22.92 -11.70 -22.27
N LEU C 261 -23.61 -11.29 -21.21
CA LEU C 261 -24.92 -11.86 -20.88
C LEU C 261 -25.94 -11.29 -21.85
N ASP C 262 -26.75 -12.16 -22.45
CA ASP C 262 -27.56 -11.79 -23.60
C ASP C 262 -29.03 -12.13 -23.45
N LEU C 263 -29.89 -11.17 -23.78
CA LEU C 263 -31.31 -11.42 -23.91
C LEU C 263 -31.62 -11.93 -25.32
N TYR C 264 -31.95 -13.22 -25.42
CA TYR C 264 -32.21 -13.92 -26.69
C TYR C 264 -32.94 -13.07 -27.73
N GLY C 265 -32.19 -12.58 -28.73
CA GLY C 265 -32.79 -11.92 -29.88
C GLY C 265 -33.35 -10.52 -29.70
N GLY C 266 -33.42 -10.02 -28.48
CA GLY C 266 -33.98 -8.70 -28.21
C GLY C 266 -35.45 -8.75 -27.84
N GLN C 267 -35.89 -9.94 -27.42
CA GLN C 267 -37.31 -10.21 -27.22
C GLN C 267 -37.85 -9.90 -25.81
N THR C 268 -38.36 -8.68 -25.65
CA THR C 268 -39.01 -8.28 -24.40
C THR C 268 -40.34 -9.02 -24.23
N ALA C 269 -40.24 -10.29 -23.83
CA ALA C 269 -41.41 -11.15 -23.72
C ALA C 269 -41.20 -12.24 -22.66
N ASN C 270 -42.28 -12.66 -22.02
CA ASN C 270 -42.20 -13.62 -20.92
C ASN C 270 -41.67 -15.00 -21.29
N GLY C 271 -40.62 -15.43 -20.62
CA GLY C 271 -40.03 -16.74 -20.84
C GLY C 271 -38.89 -16.72 -21.82
N THR C 272 -38.59 -15.54 -22.37
CA THR C 272 -37.45 -15.37 -23.27
C THR C 272 -36.18 -15.85 -22.57
N ALA C 273 -35.39 -16.65 -23.28
CA ALA C 273 -34.22 -17.29 -22.67
C ALA C 273 -33.13 -16.29 -22.28
N ILE C 274 -32.46 -16.55 -21.17
CA ILE C 274 -31.25 -15.76 -20.84
C ILE C 274 -30.00 -16.56 -21.14
N GLN C 275 -29.14 -15.97 -21.94
CA GLN C 275 -28.01 -16.68 -22.46
C GLN C 275 -26.85 -15.74 -22.53
N VAL C 276 -25.74 -16.26 -23.03
CA VAL C 276 -24.60 -15.47 -23.33
C VAL C 276 -24.66 -15.28 -24.84
N PHE C 277 -24.03 -14.21 -25.31
CA PHE C 277 -23.74 -14.12 -26.72
C PHE C 277 -22.48 -13.30 -26.88
N ASN C 278 -21.93 -13.31 -28.09
CA ASN C 278 -20.73 -12.54 -28.37
C ASN C 278 -21.01 -11.04 -28.24
N TYR C 279 -20.10 -10.32 -27.60
CA TYR C 279 -20.31 -8.90 -27.30
C TYR C 279 -20.53 -8.07 -28.57
N HIS C 280 -21.28 -6.98 -28.42
CA HIS C 280 -21.64 -6.13 -29.56
C HIS C 280 -22.01 -4.72 -29.09
N GLY C 281 -22.04 -4.52 -27.77
CA GLY C 281 -22.47 -3.25 -27.21
C GLY C 281 -23.91 -2.96 -27.56
N ASP C 282 -24.63 -4.00 -27.99
CA ASP C 282 -25.98 -3.81 -28.50
C ASP C 282 -27.06 -4.11 -27.47
N ASP C 283 -28.13 -3.33 -27.54
CA ASP C 283 -29.05 -3.13 -26.41
C ASP C 283 -29.61 -4.35 -25.67
N ASN C 284 -29.61 -5.53 -26.29
CA ASN C 284 -30.02 -6.73 -25.56
C ASN C 284 -28.84 -7.32 -24.77
N GLN C 285 -27.84 -6.47 -24.52
CA GLN C 285 -26.66 -6.83 -23.75
C GLN C 285 -26.35 -5.73 -22.73
N LYS C 286 -27.22 -4.73 -22.66
CA LYS C 286 -27.17 -3.72 -21.60
C LYS C 286 -28.19 -4.06 -20.50
N TRP C 287 -27.83 -3.79 -19.25
CA TRP C 287 -28.69 -4.16 -18.13
C TRP C 287 -28.75 -3.08 -17.05
N ASN C 288 -29.94 -2.88 -16.51
CA ASN C 288 -30.15 -2.00 -15.37
C ASN C 288 -30.11 -2.83 -14.09
N ILE C 289 -29.15 -2.54 -13.23
CA ILE C 289 -29.05 -3.21 -11.95
C ILE C 289 -29.54 -2.23 -10.88
N ARG C 290 -30.65 -2.56 -10.24
CA ARG C 290 -31.25 -1.61 -9.30
C ARG C 290 -31.74 -2.24 -8.01
N ASN C 291 -31.94 -1.38 -7.03
CA ASN C 291 -32.55 -1.81 -5.78
C ASN C 291 -33.98 -2.22 -6.07
N PRO C 292 -34.40 -3.36 -5.53
CA PRO C 292 -35.80 -3.71 -5.74
C PRO C 292 -36.68 -2.80 -4.88
N PRO C 293 -37.66 -2.11 -5.50
CA PRO C 293 -38.44 -1.09 -4.80
C PRO C 293 -39.27 -1.65 -3.65
#